data_7JUM
#
_entry.id   7JUM
#
_cell.length_a   144.020
_cell.length_b   144.020
_cell.length_c   54.530
_cell.angle_alpha   90.000
_cell.angle_beta   90.000
_cell.angle_gamma   120.000
#
_symmetry.space_group_name_H-M   'P 31'
#
loop_
_entity.id
_entity.type
_entity.pdbx_description
1 polymer 'Gametocyte surface protein P230'
2 polymer 'Neutralizing antibody, LMIV230-01 Single-chain Fv'
3 water water
#
loop_
_entity_poly.entity_id
_entity_poly.type
_entity_poly.pdbx_seq_one_letter_code
_entity_poly.pdbx_strand_id
1 'polypeptide(L)'
;SVLQSGALPSVGVDELDKIDLSYETTESGDTAVSEDSYDKYASQNTNKEYVCDFTDQLKPTESGPKVKKCEVKVNEPLIK
VKIICPLKGSVEKLYDNIEYVPKKSPYVVLTKEETKLKEKLLSKLIYGLLISPTVNEKENNFKEGVIEFTLPPVVHKATV
FYFICDNSKTEDDNKKGNRGIVEVYVEPYGNKING
;
A,B,C
2 'polypeptide(L)'
;QVQLVQSGAEVKKPGSSVKVSCKVSGGTFNTYAIIWVRQAPGQGLEWMGAIIPFQDRGQYAQKFQGRVTITADKSTSTAY
MELSSLRSEDTAVYYCAKESGRAVADRWGQGTLVTVSSGGGGSGGGGSGGGGSGGGGSGGGGSDIVMTQSPASLALSLGE
RATLYCRASHSISSWLAWYQQKPGKAPKLLIYKASTLESGVPSRFSGSGSGTEFTLTISSLQPDDFATYYCQQYKSYPWT
FGQGTKLEIKRHHHHHH
;
H,I,J
#
# COMPACT_ATOMS: atom_id res chain seq x y z
N LEU A 16 -14.13 -21.13 34.45
CA LEU A 16 -15.39 -21.66 33.83
C LEU A 16 -15.07 -22.62 32.68
N ASP A 17 -13.80 -22.71 32.24
CA ASP A 17 -13.29 -23.76 31.30
C ASP A 17 -13.25 -23.25 29.84
N LYS A 18 -13.99 -22.17 29.51
CA LYS A 18 -14.18 -21.67 28.12
C LYS A 18 -12.86 -21.12 27.55
N ILE A 19 -12.49 -21.55 26.35
CA ILE A 19 -11.30 -21.02 25.60
C ILE A 19 -11.72 -19.80 24.77
N ASP A 20 -10.94 -18.72 24.85
CA ASP A 20 -11.00 -17.52 23.97
C ASP A 20 -10.14 -17.80 22.74
N LEU A 21 -10.80 -18.16 21.64
CA LEU A 21 -10.18 -18.54 20.34
C LEU A 21 -9.40 -17.35 19.75
N SER A 22 -9.74 -16.12 20.14
CA SER A 22 -9.15 -14.88 19.57
C SER A 22 -7.80 -14.56 20.24
N TYR A 23 -7.56 -15.07 21.45
CA TYR A 23 -6.35 -14.73 22.24
C TYR A 23 -5.09 -15.22 21.49
N GLU A 24 -4.09 -14.34 21.41
CA GLU A 24 -2.78 -14.60 20.73
C GLU A 24 -1.67 -13.91 21.50
N THR A 25 -0.55 -14.61 21.75
CA THR A 25 0.65 -13.97 22.33
C THR A 25 1.88 -14.68 21.78
N THR A 26 3.02 -14.43 22.38
CA THR A 26 4.32 -15.05 22.03
C THR A 26 5.06 -15.32 23.32
N GLU A 27 6.00 -16.26 23.29
CA GLU A 27 6.86 -16.57 24.45
C GLU A 27 7.52 -15.29 24.96
N SER A 28 7.98 -14.41 24.05
CA SER A 28 8.80 -13.22 24.37
C SER A 28 7.93 -12.08 24.87
N GLY A 29 6.64 -12.12 24.59
CA GLY A 29 5.68 -11.07 24.93
C GLY A 29 6.14 -9.74 24.38
N ASP A 30 6.26 -8.71 25.21
CA ASP A 30 6.71 -7.36 24.75
C ASP A 30 8.17 -7.10 25.13
N THR A 31 8.94 -8.11 25.54
CA THR A 31 10.33 -7.91 26.04
C THR A 31 11.32 -7.66 24.90
N ALA A 32 11.03 -8.11 23.66
CA ALA A 32 11.92 -7.97 22.47
C ALA A 32 13.11 -8.93 22.56
N VAL A 33 13.14 -9.83 23.54
CA VAL A 33 14.24 -10.82 23.72
C VAL A 33 13.96 -12.05 22.83
N SER A 34 14.98 -12.53 22.12
CA SER A 34 14.92 -13.75 21.28
C SER A 34 15.31 -14.92 22.18
N GLU A 35 14.82 -16.13 21.88
CA GLU A 35 14.88 -17.31 22.80
C GLU A 35 16.34 -17.65 23.11
N ASP A 36 17.28 -17.35 22.21
CA ASP A 36 18.71 -17.68 22.45
C ASP A 36 19.27 -16.84 23.62
N SER A 37 18.62 -15.72 24.01
CA SER A 37 19.04 -14.88 25.18
C SER A 37 18.10 -15.08 26.38
N TYR A 38 17.12 -15.96 26.33
CA TYR A 38 16.34 -16.35 27.53
C TYR A 38 17.34 -16.92 28.54
N ASP A 39 17.14 -16.68 29.84
CA ASP A 39 17.80 -17.48 30.90
C ASP A 39 16.97 -18.76 31.05
N LYS A 40 17.49 -19.88 30.54
CA LYS A 40 16.77 -21.17 30.50
C LYS A 40 17.35 -22.08 31.57
N TYR A 41 16.48 -22.74 32.33
CA TYR A 41 16.87 -23.65 33.42
C TYR A 41 15.82 -24.75 33.57
N ALA A 42 16.23 -25.86 34.18
CA ALA A 42 15.36 -27.02 34.47
C ALA A 42 14.48 -26.70 35.68
N SER A 43 13.25 -27.18 35.70
CA SER A 43 12.42 -27.22 36.93
C SER A 43 13.21 -27.87 38.08
N GLN A 44 12.81 -27.58 39.32
CA GLN A 44 13.39 -28.14 40.56
C GLN A 44 12.56 -29.37 40.91
N ASN A 45 13.18 -30.55 40.78
CA ASN A 45 12.49 -31.85 40.72
C ASN A 45 12.82 -32.62 42.00
N THR A 46 11.81 -32.85 42.81
CA THR A 46 11.90 -33.57 44.11
C THR A 46 10.92 -34.73 44.04
N ASN A 47 11.46 -35.94 43.95
CA ASN A 47 10.70 -37.20 43.72
C ASN A 47 9.97 -37.02 42.40
N LYS A 48 8.64 -37.00 42.43
CA LYS A 48 7.81 -36.94 41.20
C LYS A 48 7.02 -35.62 41.18
N GLU A 49 7.57 -34.56 41.81
CA GLU A 49 7.00 -33.20 41.75
C GLU A 49 8.03 -32.27 41.11
N TYR A 50 7.66 -31.67 39.98
CA TYR A 50 8.53 -30.74 39.19
C TYR A 50 7.99 -29.33 39.41
N VAL A 51 8.84 -28.45 39.92
CA VAL A 51 8.40 -27.12 40.44
C VAL A 51 9.10 -26.02 39.64
N CYS A 52 8.32 -25.08 39.12
CA CYS A 52 8.81 -23.78 38.61
C CYS A 52 8.37 -22.71 39.60
N ASP A 53 9.31 -22.24 40.40
CA ASP A 53 9.09 -21.18 41.40
C ASP A 53 9.60 -19.86 40.81
N PHE A 54 8.71 -18.90 40.60
CA PHE A 54 9.07 -17.58 40.00
C PHE A 54 9.24 -16.50 41.07
N THR A 55 9.12 -16.82 42.35
CA THR A 55 9.14 -15.84 43.47
C THR A 55 10.39 -14.95 43.41
N ASP A 56 11.58 -15.53 43.21
CA ASP A 56 12.85 -14.74 43.19
C ASP A 56 13.25 -14.38 41.77
N GLN A 57 13.05 -15.29 40.80
CA GLN A 57 13.49 -15.14 39.39
C GLN A 57 12.94 -13.84 38.78
N LEU A 58 11.75 -13.37 39.17
CA LEU A 58 11.06 -12.25 38.45
C LEU A 58 11.21 -10.91 39.18
N LYS A 59 11.88 -10.85 40.33
CA LYS A 59 12.02 -9.61 41.13
C LYS A 59 12.76 -8.60 40.25
N PRO A 60 12.40 -7.31 40.30
CA PRO A 60 13.12 -6.30 39.52
C PRO A 60 14.64 -6.25 39.81
N THR A 61 15.45 -6.13 38.76
CA THR A 61 16.90 -5.90 38.87
C THR A 61 17.32 -4.82 37.88
N GLU A 62 18.55 -4.33 38.04
CA GLU A 62 19.24 -3.35 37.17
C GLU A 62 19.36 -3.89 35.75
N SER A 63 19.29 -5.21 35.56
CA SER A 63 19.53 -5.87 34.26
C SER A 63 18.22 -6.27 33.60
N GLY A 64 17.09 -5.95 34.21
CA GLY A 64 15.77 -6.31 33.66
C GLY A 64 15.48 -5.49 32.40
N PRO A 65 14.53 -5.92 31.54
CA PRO A 65 13.80 -7.18 31.72
C PRO A 65 14.50 -8.37 31.04
N LYS A 66 14.63 -9.49 31.74
CA LYS A 66 15.13 -10.76 31.21
C LYS A 66 13.94 -11.72 31.03
N VAL A 67 14.10 -12.74 30.20
CA VAL A 67 13.13 -13.85 30.12
C VAL A 67 13.72 -15.00 30.91
N LYS A 68 12.94 -15.49 31.87
CA LYS A 68 13.26 -16.66 32.70
C LYS A 68 12.39 -17.82 32.21
N LYS A 69 13.02 -18.79 31.56
CA LYS A 69 12.29 -19.94 30.95
C LYS A 69 12.58 -21.20 31.77
N CYS A 70 11.58 -21.62 32.54
CA CYS A 70 11.58 -22.85 33.36
C CYS A 70 11.13 -24.03 32.50
N GLU A 71 12.06 -24.97 32.24
CA GLU A 71 11.87 -26.15 31.35
C GLU A 71 11.44 -27.33 32.23
N VAL A 72 10.20 -27.78 32.05
CA VAL A 72 9.64 -28.98 32.74
C VAL A 72 9.71 -30.12 31.74
N LYS A 73 10.74 -30.95 31.85
CA LYS A 73 11.00 -32.05 30.87
C LYS A 73 10.51 -33.37 31.49
N VAL A 74 9.47 -33.94 30.91
CA VAL A 74 8.78 -35.11 31.48
C VAL A 74 8.94 -36.31 30.54
N ASN A 75 9.58 -37.39 31.02
CA ASN A 75 9.63 -38.67 30.26
C ASN A 75 9.40 -39.84 31.22
N GLU A 76 8.65 -39.62 32.30
CA GLU A 76 8.21 -40.72 33.22
C GLU A 76 6.79 -40.43 33.70
N PRO A 77 6.10 -41.46 34.22
CA PRO A 77 4.71 -41.35 34.59
C PRO A 77 4.36 -40.58 35.87
N LEU A 78 3.14 -40.07 35.89
CA LEU A 78 2.45 -39.52 37.07
C LEU A 78 3.28 -38.39 37.69
N ILE A 79 3.91 -37.56 36.85
CA ILE A 79 4.65 -36.37 37.36
C ILE A 79 3.62 -35.29 37.71
N LYS A 80 3.79 -34.73 38.91
CA LYS A 80 3.04 -33.56 39.39
C LYS A 80 3.84 -32.31 39.06
N VAL A 81 3.25 -31.41 38.30
CA VAL A 81 3.86 -30.11 37.94
C VAL A 81 3.24 -29.03 38.82
N LYS A 82 4.06 -28.23 39.48
CA LYS A 82 3.62 -27.11 40.34
C LYS A 82 4.32 -25.84 39.86
N ILE A 83 3.54 -24.78 39.62
CA ILE A 83 4.04 -23.45 39.18
C ILE A 83 3.60 -22.39 40.21
N ILE A 84 4.60 -21.71 40.77
CA ILE A 84 4.41 -20.61 41.76
C ILE A 84 4.67 -19.30 41.01
N CYS A 85 3.63 -18.48 40.87
CA CYS A 85 3.68 -17.11 40.28
C CYS A 85 3.32 -16.15 41.40
N PRO A 86 4.28 -15.29 41.86
CA PRO A 86 4.01 -14.38 42.98
C PRO A 86 2.86 -13.42 42.67
N LEU A 87 1.97 -13.23 43.64
CA LEU A 87 0.78 -12.35 43.49
C LEU A 87 1.19 -10.89 43.59
N LYS A 88 0.52 -10.04 42.82
CA LYS A 88 0.59 -8.55 42.98
C LYS A 88 0.37 -8.21 44.45
N GLY A 89 1.31 -7.46 45.06
CA GLY A 89 1.17 -6.95 46.43
C GLY A 89 1.60 -7.94 47.49
N SER A 90 2.03 -9.16 47.14
CA SER A 90 2.47 -10.18 48.12
C SER A 90 3.69 -9.64 48.88
N VAL A 91 4.58 -8.97 48.17
CA VAL A 91 5.63 -8.08 48.73
C VAL A 91 5.46 -6.74 48.03
N GLU A 92 5.51 -5.63 48.77
CA GLU A 92 5.36 -4.27 48.22
C GLU A 92 6.39 -4.05 47.11
N LYS A 93 5.97 -3.39 46.03
CA LYS A 93 6.82 -2.86 44.92
C LYS A 93 7.19 -3.98 43.92
N LEU A 94 7.62 -5.17 44.40
CA LEU A 94 8.34 -6.18 43.59
C LEU A 94 7.46 -6.71 42.45
N TYR A 95 6.14 -6.79 42.63
CA TYR A 95 5.22 -7.50 41.69
C TYR A 95 4.03 -6.61 41.31
N ASP A 96 4.18 -5.30 41.34
CA ASP A 96 3.04 -4.33 41.23
C ASP A 96 2.35 -4.48 39.87
N ASN A 97 3.08 -4.84 38.81
CA ASN A 97 2.53 -4.95 37.43
C ASN A 97 2.56 -6.40 36.91
N ILE A 98 2.65 -7.41 37.78
CA ILE A 98 2.72 -8.83 37.37
C ILE A 98 1.40 -9.23 36.71
N GLU A 99 1.48 -10.14 35.74
CA GLU A 99 0.29 -10.72 35.06
C GLU A 99 0.59 -12.20 34.82
N TYR A 100 -0.46 -13.01 34.69
CA TYR A 100 -0.33 -14.45 34.36
C TYR A 100 -1.29 -14.79 33.22
N VAL A 101 -0.85 -15.70 32.37
CA VAL A 101 -1.61 -16.19 31.19
C VAL A 101 -1.38 -17.69 31.10
N PRO A 102 -2.40 -18.52 30.77
CA PRO A 102 -3.82 -18.11 30.77
C PRO A 102 -4.41 -17.85 32.15
N LYS A 103 -5.50 -17.06 32.20
CA LYS A 103 -6.22 -16.72 33.46
C LYS A 103 -6.77 -18.02 34.07
N LYS A 104 -7.19 -18.97 33.22
CA LYS A 104 -7.84 -20.22 33.66
C LYS A 104 -6.82 -21.36 33.70
N SER A 105 -5.53 -21.07 33.87
CA SER A 105 -4.52 -22.12 34.20
C SER A 105 -4.97 -22.83 35.45
N PRO A 106 -4.82 -24.17 35.57
CA PRO A 106 -4.20 -25.03 34.56
C PRO A 106 -5.14 -25.74 33.57
N TYR A 107 -6.45 -25.48 33.66
CA TYR A 107 -7.47 -26.05 32.73
C TYR A 107 -7.19 -25.58 31.31
N VAL A 108 -6.80 -24.31 31.17
CA VAL A 108 -6.40 -23.70 29.87
C VAL A 108 -4.90 -23.48 29.88
N VAL A 109 -4.24 -23.84 28.76
CA VAL A 109 -2.77 -23.63 28.58
C VAL A 109 -2.56 -22.93 27.25
N LEU A 110 -1.32 -22.57 26.94
CA LEU A 110 -0.93 -22.03 25.62
C LEU A 110 -0.15 -23.09 24.84
N THR A 111 -0.47 -23.28 23.57
CA THR A 111 0.36 -24.10 22.65
C THR A 111 0.76 -23.26 21.45
N LYS A 112 1.84 -23.67 20.80
CA LYS A 112 2.33 -22.99 19.58
C LYS A 112 1.53 -23.50 18.37
N GLU A 113 0.72 -22.59 17.82
CA GLU A 113 -0.06 -22.76 16.59
C GLU A 113 0.62 -21.86 15.54
N GLU A 114 1.24 -22.46 14.53
CA GLU A 114 2.08 -21.76 13.53
C GLU A 114 3.33 -21.26 14.28
N THR A 115 3.41 -19.98 14.66
CA THR A 115 4.56 -19.40 15.42
C THR A 115 4.12 -18.59 16.62
N LYS A 116 2.83 -18.60 16.96
CA LYS A 116 2.25 -17.81 18.07
C LYS A 116 1.66 -18.75 19.13
N LEU A 117 1.48 -18.25 20.35
CA LEU A 117 0.83 -19.01 21.44
C LEU A 117 -0.67 -18.71 21.44
N LYS A 118 -1.49 -19.75 21.47
CA LYS A 118 -2.97 -19.68 21.52
C LYS A 118 -3.49 -20.66 22.58
N GLU A 119 -4.70 -20.40 23.09
CA GLU A 119 -5.28 -21.15 24.23
C GLU A 119 -5.69 -22.54 23.79
N LYS A 120 -5.55 -23.51 24.68
CA LYS A 120 -5.98 -24.91 24.45
C LYS A 120 -6.44 -25.48 25.80
N LEU A 121 -7.49 -26.29 25.79
CA LEU A 121 -7.89 -27.10 26.96
C LEU A 121 -6.84 -28.18 27.19
N LEU A 122 -6.20 -28.19 28.36
CA LEU A 122 -5.13 -29.17 28.67
C LEU A 122 -5.68 -30.62 28.57
N SER A 123 -6.92 -30.84 29.01
CA SER A 123 -7.58 -32.17 29.04
C SER A 123 -7.82 -32.68 27.62
N LYS A 124 -7.91 -31.79 26.62
CA LYS A 124 -8.07 -32.18 25.20
C LYS A 124 -6.70 -32.48 24.62
N LEU A 125 -5.64 -31.92 25.19
CA LEU A 125 -4.24 -32.11 24.74
C LEU A 125 -3.69 -33.44 25.24
N ILE A 126 -4.07 -33.82 26.47
CA ILE A 126 -3.47 -34.95 27.21
C ILE A 126 -4.58 -35.75 27.85
N TYR A 127 -4.76 -37.00 27.41
CA TYR A 127 -5.75 -37.97 27.92
C TYR A 127 -5.26 -38.48 29.29
N GLY A 128 -6.16 -38.46 30.28
CA GLY A 128 -5.90 -39.00 31.62
C GLY A 128 -5.24 -37.98 32.54
N LEU A 129 -5.42 -36.68 32.27
CA LEU A 129 -4.85 -35.57 33.09
C LEU A 129 -5.62 -35.43 34.42
N LEU A 130 -4.92 -35.31 35.55
CA LEU A 130 -5.51 -34.90 36.84
C LEU A 130 -5.31 -33.39 37.08
N ILE A 131 -6.42 -32.66 37.16
CA ILE A 131 -6.49 -31.34 37.83
C ILE A 131 -7.44 -31.46 39.03
N SER A 132 -6.91 -31.30 40.23
CA SER A 132 -7.70 -31.10 41.47
C SER A 132 -8.27 -29.68 41.47
N PRO A 133 -9.59 -29.50 41.73
CA PRO A 133 -10.17 -28.16 41.85
C PRO A 133 -9.46 -27.27 42.87
N THR A 134 -8.85 -27.87 43.90
CA THR A 134 -8.20 -27.13 45.01
C THR A 134 -6.76 -27.59 45.21
N VAL A 135 -5.91 -26.68 45.66
CA VAL A 135 -4.52 -26.88 46.15
C VAL A 135 -4.48 -26.33 47.58
N ASN A 136 -4.20 -27.17 48.59
CA ASN A 136 -4.13 -26.78 50.02
C ASN A 136 -5.35 -25.92 50.40
N GLU A 137 -6.54 -26.43 50.10
CA GLU A 137 -7.86 -25.83 50.47
C GLU A 137 -8.18 -24.56 49.67
N LYS A 138 -7.29 -24.12 48.77
CA LYS A 138 -7.50 -22.91 47.94
C LYS A 138 -7.76 -23.33 46.48
N GLU A 139 -8.51 -22.52 45.74
CA GLU A 139 -8.76 -22.69 44.29
C GLU A 139 -7.44 -22.95 43.55
N ASN A 140 -7.44 -23.96 42.68
CA ASN A 140 -6.29 -24.33 41.81
C ASN A 140 -6.25 -23.30 40.68
N ASN A 141 -5.64 -22.13 40.94
CA ASN A 141 -5.73 -20.97 40.01
C ASN A 141 -4.68 -19.96 40.44
N PHE A 142 -4.05 -19.29 39.47
CA PHE A 142 -2.95 -18.33 39.71
C PHE A 142 -3.41 -17.19 40.64
N LYS A 143 -4.71 -16.88 40.67
CA LYS A 143 -5.23 -15.86 41.61
C LYS A 143 -4.87 -16.24 43.05
N GLU A 144 -4.59 -17.52 43.36
CA GLU A 144 -4.17 -18.00 44.70
C GLU A 144 -2.65 -18.20 44.77
N GLY A 145 -1.93 -17.95 43.66
CA GLY A 145 -0.45 -17.86 43.68
C GLY A 145 0.26 -19.10 43.19
N VAL A 146 -0.47 -20.20 42.95
CA VAL A 146 0.11 -21.54 42.66
C VAL A 146 -0.92 -22.39 41.92
N ILE A 147 -0.50 -23.15 40.90
CA ILE A 147 -1.33 -24.15 40.17
C ILE A 147 -0.60 -25.49 40.21
N GLU A 148 -1.36 -26.57 40.12
CA GLU A 148 -0.78 -27.93 40.01
C GLU A 148 -1.63 -28.76 39.07
N PHE A 149 -1.00 -29.73 38.46
CA PHE A 149 -1.66 -30.85 37.72
C PHE A 149 -0.71 -32.06 37.74
N THR A 150 -1.29 -33.24 37.52
CA THR A 150 -0.55 -34.52 37.46
C THR A 150 -0.77 -35.13 36.07
N LEU A 151 0.33 -35.37 35.36
CA LEU A 151 0.33 -35.95 34.00
C LEU A 151 0.00 -37.44 34.12
N PRO A 152 -0.53 -38.06 33.04
CA PRO A 152 -1.01 -39.43 33.10
C PRO A 152 0.05 -40.51 33.22
N PRO A 153 -0.37 -41.79 33.39
CA PRO A 153 0.58 -42.90 33.43
C PRO A 153 1.26 -43.21 32.07
N VAL A 154 0.61 -42.84 30.97
CA VAL A 154 1.14 -43.07 29.59
C VAL A 154 0.88 -41.82 28.75
N VAL A 155 1.84 -41.45 27.92
CA VAL A 155 1.68 -40.40 26.86
C VAL A 155 2.27 -40.96 25.56
N HIS A 156 1.50 -40.94 24.48
CA HIS A 156 1.85 -41.55 23.18
C HIS A 156 2.61 -40.56 22.28
N LYS A 157 2.32 -39.26 22.35
CA LYS A 157 2.84 -38.26 21.38
C LYS A 157 3.52 -37.11 22.14
N ALA A 158 4.73 -36.71 21.72
CA ALA A 158 5.41 -35.50 22.28
C ALA A 158 4.42 -34.33 22.29
N THR A 159 4.33 -33.61 23.40
CA THR A 159 3.32 -32.55 23.67
C THR A 159 4.03 -31.40 24.40
N VAL A 160 3.91 -30.18 23.88
CA VAL A 160 4.57 -28.96 24.43
C VAL A 160 3.49 -27.89 24.66
N PHE A 161 3.40 -27.38 25.88
CA PHE A 161 2.45 -26.31 26.27
C PHE A 161 3.16 -25.38 27.26
N TYR A 162 2.58 -24.20 27.47
CA TYR A 162 3.25 -23.05 28.13
C TYR A 162 2.29 -22.37 29.12
N PHE A 163 2.89 -21.75 30.13
CA PHE A 163 2.26 -20.77 31.03
C PHE A 163 3.16 -19.54 31.06
N ILE A 164 2.55 -18.39 31.26
CA ILE A 164 3.25 -17.07 31.38
C ILE A 164 2.99 -16.52 32.77
N CYS A 165 4.07 -16.17 33.46
CA CYS A 165 4.08 -15.36 34.71
C CYS A 165 4.97 -14.16 34.45
N ASP A 166 4.38 -13.02 34.06
CA ASP A 166 5.15 -11.88 33.47
C ASP A 166 5.21 -10.70 34.43
N ASN A 167 6.40 -10.42 34.95
CA ASN A 167 6.67 -9.26 35.83
C ASN A 167 7.48 -8.17 35.11
N SER A 168 7.61 -8.24 33.79
CA SER A 168 8.55 -7.39 33.00
C SER A 168 8.06 -5.93 32.93
N LYS A 169 6.83 -5.63 33.33
CA LYS A 169 6.26 -4.26 33.34
C LYS A 169 6.34 -3.65 34.74
N THR A 170 6.91 -4.35 35.73
CA THR A 170 7.15 -3.79 37.08
C THR A 170 8.49 -3.06 37.05
N GLU A 171 8.44 -1.74 37.24
CA GLU A 171 9.62 -0.85 37.20
CA GLU A 171 9.62 -0.83 37.19
C GLU A 171 9.72 -0.16 38.57
N ASP A 172 10.88 -0.28 39.19
CA ASP A 172 11.24 0.36 40.47
C ASP A 172 12.51 1.14 40.21
N ASP A 173 12.34 2.41 39.82
CA ASP A 173 13.42 3.27 39.26
C ASP A 173 14.15 2.48 38.15
N ASN A 174 15.47 2.28 38.25
CA ASN A 174 16.25 1.65 37.16
C ASN A 174 16.26 0.12 37.30
N LYS A 175 15.36 -0.46 38.12
CA LYS A 175 15.20 -1.93 38.22
C LYS A 175 13.91 -2.33 37.52
N LYS A 176 13.95 -3.38 36.70
CA LYS A 176 12.76 -3.87 35.96
C LYS A 176 12.59 -5.37 36.26
N GLY A 177 11.37 -5.83 36.45
CA GLY A 177 11.05 -7.26 36.61
C GLY A 177 11.34 -8.09 35.38
N ASN A 178 11.21 -9.42 35.50
CA ASN A 178 11.49 -10.38 34.41
C ASN A 178 10.20 -11.02 33.94
N ARG A 179 10.22 -11.53 32.71
CA ARG A 179 9.12 -12.36 32.13
C ARG A 179 9.40 -13.84 32.39
N GLY A 180 8.50 -14.48 33.12
CA GLY A 180 8.56 -15.93 33.41
C GLY A 180 7.79 -16.71 32.37
N ILE A 181 8.42 -17.71 31.77
CA ILE A 181 7.80 -18.72 30.88
C ILE A 181 7.96 -20.09 31.51
N VAL A 182 6.89 -20.88 31.47
CA VAL A 182 6.95 -22.34 31.73
C VAL A 182 6.74 -23.08 30.40
N GLU A 183 7.72 -23.86 29.99
CA GLU A 183 7.61 -24.79 28.85
C GLU A 183 7.52 -26.20 29.43
N VAL A 184 6.36 -26.83 29.29
CA VAL A 184 6.14 -28.24 29.69
C VAL A 184 6.33 -29.08 28.42
N TYR A 185 7.45 -29.80 28.36
CA TYR A 185 7.86 -30.65 27.22
C TYR A 185 7.68 -32.10 27.63
N VAL A 186 6.60 -32.74 27.20
CA VAL A 186 6.21 -34.13 27.57
C VAL A 186 6.61 -35.05 26.41
N GLU A 187 7.63 -35.88 26.61
CA GLU A 187 8.00 -36.93 25.64
C GLU A 187 7.07 -38.13 25.83
N PRO A 188 6.95 -39.00 24.81
CA PRO A 188 6.27 -40.27 24.99
C PRO A 188 6.89 -41.05 26.16
N TYR A 189 6.06 -41.71 26.97
CA TYR A 189 6.50 -42.57 28.08
C TYR A 189 5.40 -43.58 28.41
N GLY A 190 5.76 -44.60 29.19
CA GLY A 190 4.84 -45.52 29.88
C GLY A 190 4.81 -46.88 29.22
N ASN A 191 5.82 -47.16 28.38
CA ASN A 191 5.97 -48.41 27.58
C ASN A 191 7.00 -49.32 28.26
N ASP B 17 -26.87 3.12 1.12
CA ASP B 17 -27.71 3.51 2.30
C ASP B 17 -27.14 2.94 3.61
N LYS B 18 -26.43 1.80 3.57
CA LYS B 18 -25.98 1.08 4.81
C LYS B 18 -24.85 1.88 5.47
N ILE B 19 -24.98 2.25 6.74
CA ILE B 19 -23.92 2.97 7.51
C ILE B 19 -23.08 1.93 8.24
N ASP B 20 -21.75 2.05 8.14
CA ASP B 20 -20.77 1.34 9.00
C ASP B 20 -20.52 2.22 10.23
N LEU B 21 -21.20 1.90 11.34
CA LEU B 21 -21.16 2.63 12.62
C LEU B 21 -19.74 2.62 13.20
N SER B 22 -18.90 1.65 12.83
CA SER B 22 -17.55 1.44 13.42
C SER B 22 -16.52 2.32 12.72
N TYR B 23 -16.80 2.79 11.51
CA TYR B 23 -15.82 3.54 10.69
C TYR B 23 -15.44 4.87 11.38
N GLU B 24 -14.15 5.16 11.45
CA GLU B 24 -13.59 6.38 12.08
C GLU B 24 -12.37 6.86 11.31
N THR B 25 -12.29 8.15 11.00
CA THR B 25 -11.06 8.72 10.39
C THR B 25 -10.90 10.15 10.91
N THR B 26 -10.06 10.93 10.26
CA THR B 26 -9.80 12.35 10.58
C THR B 26 -9.61 13.11 9.27
N GLU B 27 -9.80 14.41 9.30
CA GLU B 27 -9.58 15.28 8.13
C GLU B 27 -8.15 15.07 7.62
N SER B 28 -7.17 14.94 8.50
CA SER B 28 -5.72 14.91 8.14
C SER B 28 -5.32 13.51 7.67
N GLY B 29 -6.10 12.48 8.02
CA GLY B 29 -5.79 11.08 7.69
C GLY B 29 -4.40 10.73 8.23
N ASP B 30 -3.52 10.21 7.37
CA ASP B 30 -2.15 9.79 7.78
C ASP B 30 -1.09 10.82 7.35
N THR B 31 -1.48 12.03 6.97
CA THR B 31 -0.53 13.06 6.44
C THR B 31 0.26 13.73 7.56
N ALA B 32 -0.24 13.71 8.80
CA ALA B 32 0.37 14.39 9.97
C ALA B 32 0.24 15.92 9.88
N VAL B 33 -0.45 16.46 8.88
CA VAL B 33 -0.59 17.93 8.67
C VAL B 33 -1.76 18.45 9.54
N SER B 34 -1.55 19.55 10.25
CA SER B 34 -2.55 20.24 11.09
C SER B 34 -3.32 21.22 10.21
N GLU B 35 -4.58 21.52 10.53
CA GLU B 35 -5.52 22.26 9.64
C GLU B 35 -4.95 23.65 9.30
N ASP B 36 -4.16 24.25 10.18
CA ASP B 36 -3.58 25.58 9.92
C ASP B 36 -2.58 25.53 8.75
N SER B 37 -2.07 24.35 8.34
CA SER B 37 -1.16 24.19 7.17
C SER B 37 -1.89 23.53 5.98
N TYR B 38 -3.18 23.25 6.08
CA TYR B 38 -3.97 22.83 4.89
C TYR B 38 -3.86 23.96 3.85
N ASP B 39 -3.81 23.62 2.56
CA ASP B 39 -4.08 24.61 1.48
C ASP B 39 -5.60 24.69 1.36
N LYS B 40 -6.18 25.78 1.84
CA LYS B 40 -7.65 25.99 1.92
C LYS B 40 -8.06 26.92 0.80
N TYR B 41 -9.13 26.59 0.08
CA TYR B 41 -9.67 27.45 -1.01
C TYR B 41 -11.16 27.23 -1.13
N ALA B 42 -11.85 28.20 -1.73
CA ALA B 42 -13.31 28.19 -1.97
C ALA B 42 -13.60 27.29 -3.17
N SER B 43 -14.72 26.58 -3.16
CA SER B 43 -15.23 25.88 -4.36
C SER B 43 -15.33 26.88 -5.52
N GLN B 44 -15.33 26.37 -6.76
CA GLN B 44 -15.49 27.16 -8.00
C GLN B 44 -16.99 27.21 -8.33
N ASN B 45 -17.58 28.40 -8.20
CA ASN B 45 -19.04 28.60 -8.11
C ASN B 45 -19.52 29.32 -9.37
N THR B 46 -20.32 28.63 -10.18
CA THR B 46 -20.91 29.15 -11.44
C THR B 46 -22.42 28.99 -11.34
N ASN B 47 -23.13 30.12 -11.26
CA ASN B 47 -24.60 30.19 -11.05
C ASN B 47 -24.88 29.51 -9.70
N LYS B 48 -25.62 28.40 -9.71
CA LYS B 48 -26.00 27.70 -8.47
C LYS B 48 -25.34 26.32 -8.44
N GLU B 49 -24.16 26.17 -9.06
CA GLU B 49 -23.37 24.92 -8.99
C GLU B 49 -22.01 25.22 -8.37
N TYR B 50 -21.71 24.57 -7.24
CA TYR B 50 -20.44 24.74 -6.49
C TYR B 50 -19.60 23.49 -6.74
N VAL B 51 -18.39 23.65 -7.27
CA VAL B 51 -17.57 22.52 -7.78
C VAL B 51 -16.26 22.44 -7.01
N CYS B 52 -15.93 21.25 -6.51
CA CYS B 52 -14.57 20.90 -6.03
C CYS B 52 -14.00 19.92 -7.03
N ASP B 53 -13.08 20.42 -7.88
CA ASP B 53 -12.38 19.59 -8.87
C ASP B 53 -11.00 19.25 -8.32
N PHE B 54 -10.73 17.97 -8.06
CA PHE B 54 -9.44 17.50 -7.49
C PHE B 54 -8.50 16.96 -8.57
N THR B 55 -8.86 17.03 -9.84
CA THR B 55 -8.06 16.45 -10.96
C THR B 55 -6.61 16.95 -10.93
N ASP B 56 -6.36 18.25 -10.75
CA ASP B 56 -4.98 18.81 -10.76
C ASP B 56 -4.40 18.92 -9.35
N GLN B 57 -5.24 19.30 -8.38
CA GLN B 57 -4.84 19.60 -6.98
C GLN B 57 -4.08 18.40 -6.35
N LEU B 58 -4.39 17.15 -6.73
CA LEU B 58 -3.89 15.96 -5.99
C LEU B 58 -2.71 15.27 -6.69
N LYS B 59 -2.29 15.76 -7.87
CA LYS B 59 -1.19 15.15 -8.66
C LYS B 59 0.08 15.16 -7.81
N PRO B 60 0.93 14.11 -7.87
CA PRO B 60 2.20 14.13 -7.14
C PRO B 60 3.10 15.33 -7.44
N THR B 61 3.69 15.94 -6.40
CA THR B 61 4.73 17.00 -6.56
C THR B 61 5.85 16.74 -5.57
N GLU B 62 6.98 17.41 -5.76
CA GLU B 62 8.14 17.38 -4.83
C GLU B 62 7.78 17.87 -3.44
N SER B 63 6.67 18.61 -3.29
CA SER B 63 6.28 19.23 -2.00
C SER B 63 5.21 18.38 -1.30
N GLY B 64 4.79 17.28 -1.90
CA GLY B 64 3.76 16.42 -1.32
C GLY B 64 4.27 15.72 -0.07
N PRO B 65 3.39 15.22 0.83
CA PRO B 65 1.94 15.39 0.68
C PRO B 65 1.43 16.68 1.34
N LYS B 66 0.57 17.41 0.63
CA LYS B 66 -0.19 18.56 1.15
C LYS B 66 -1.65 18.13 1.37
N VAL B 67 -2.35 18.85 2.22
CA VAL B 67 -3.83 18.72 2.36
C VAL B 67 -4.45 19.86 1.57
N LYS B 68 -5.33 19.51 0.64
CA LYS B 68 -6.09 20.44 -0.21
C LYS B 68 -7.53 20.43 0.30
N LYS B 69 -7.95 21.51 0.97
CA LYS B 69 -9.31 21.61 1.55
C LYS B 69 -10.15 22.55 0.71
N CYS B 70 -11.10 21.96 -0.03
CA CYS B 70 -12.10 22.68 -0.85
C CYS B 70 -13.31 23.02 0.04
N GLU B 71 -13.52 24.31 0.30
CA GLU B 71 -14.57 24.87 1.21
C GLU B 71 -15.80 25.20 0.35
N VAL B 72 -16.88 24.45 0.55
CA VAL B 72 -18.20 24.69 -0.10
C VAL B 72 -19.07 25.43 0.91
N LYS B 73 -19.17 26.75 0.78
CA LYS B 73 -19.89 27.62 1.75
C LYS B 73 -21.24 28.00 1.16
N VAL B 74 -22.30 27.49 1.75
CA VAL B 74 -23.68 27.62 1.20
C VAL B 74 -24.53 28.46 2.16
N ASN B 75 -25.07 29.59 1.69
CA ASN B 75 -26.04 30.40 2.46
C ASN B 75 -27.16 30.89 1.53
N GLU B 76 -27.45 30.12 0.48
CA GLU B 76 -28.50 30.39 -0.52
C GLU B 76 -29.18 29.07 -0.86
N PRO B 77 -30.43 29.13 -1.36
CA PRO B 77 -31.19 27.92 -1.69
C PRO B 77 -30.81 27.17 -2.97
N LEU B 78 -31.11 25.87 -2.95
CA LEU B 78 -31.08 24.97 -4.13
C LEU B 78 -29.70 24.96 -4.78
N ILE B 79 -28.63 25.04 -3.98
CA ILE B 79 -27.24 24.92 -4.52
C ILE B 79 -26.97 23.45 -4.85
N LYS B 80 -26.45 23.23 -6.04
CA LYS B 80 -25.94 21.92 -6.52
C LYS B 80 -24.45 21.86 -6.21
N VAL B 81 -24.04 20.86 -5.46
CA VAL B 81 -22.62 20.61 -5.13
C VAL B 81 -22.13 19.46 -6.02
N LYS B 82 -21.02 19.66 -6.71
CA LYS B 82 -20.39 18.64 -7.57
C LYS B 82 -18.93 18.47 -7.13
N ILE B 83 -18.52 17.24 -6.91
CA ILE B 83 -17.13 16.88 -6.48
C ILE B 83 -16.54 15.88 -7.50
N ILE B 84 -15.42 16.27 -8.11
CA ILE B 84 -14.67 15.45 -9.08
C ILE B 84 -13.43 14.92 -8.34
N CYS B 85 -13.35 13.60 -8.18
CA CYS B 85 -12.21 12.84 -7.62
C CYS B 85 -11.65 11.97 -8.75
N PRO B 86 -10.40 12.22 -9.21
CA PRO B 86 -9.84 11.43 -10.32
C PRO B 86 -9.74 9.95 -9.97
N LEU B 87 -10.11 9.10 -10.93
CA LEU B 87 -10.10 7.63 -10.76
C LEU B 87 -8.65 7.11 -10.87
N LYS B 88 -8.34 6.09 -10.09
CA LYS B 88 -7.14 5.23 -10.28
C LYS B 88 -7.06 4.82 -11.76
N GLY B 89 -5.93 5.07 -12.42
CA GLY B 89 -5.65 4.66 -13.80
C GLY B 89 -6.17 5.65 -14.84
N SER B 90 -6.87 6.73 -14.45
CA SER B 90 -7.45 7.70 -15.42
C SER B 90 -6.31 8.35 -16.22
N VAL B 91 -5.19 8.64 -15.55
CA VAL B 91 -3.86 8.93 -16.16
C VAL B 91 -2.88 7.97 -15.50
N GLU B 92 -1.94 7.38 -16.24
CA GLU B 92 -1.00 6.41 -15.61
C GLU B 92 -0.15 7.14 -14.56
N LYS B 93 0.12 6.45 -13.45
CA LYS B 93 1.07 6.84 -12.35
C LYS B 93 0.41 7.83 -11.39
N LEU B 94 -0.28 8.87 -11.87
CA LEU B 94 -0.65 10.08 -11.06
C LEU B 94 -1.57 9.71 -9.89
N TYR B 95 -2.43 8.70 -10.05
CA TYR B 95 -3.53 8.38 -9.10
C TYR B 95 -3.53 6.90 -8.68
N ASP B 96 -2.37 6.23 -8.73
CA ASP B 96 -2.28 4.76 -8.59
C ASP B 96 -2.77 4.32 -7.20
N ASN B 97 -2.59 5.14 -6.16
CA ASN B 97 -2.98 4.79 -4.77
C ASN B 97 -4.13 5.68 -4.26
N ILE B 98 -4.90 6.31 -5.13
CA ILE B 98 -6.00 7.23 -4.71
C ILE B 98 -7.09 6.41 -4.02
N GLU B 99 -7.73 7.02 -3.02
CA GLU B 99 -8.92 6.42 -2.36
C GLU B 99 -9.91 7.54 -2.05
N TYR B 100 -11.17 7.16 -1.92
CA TYR B 100 -12.27 8.10 -1.59
C TYR B 100 -13.08 7.52 -0.43
N VAL B 101 -13.54 8.42 0.44
CA VAL B 101 -14.37 8.11 1.62
C VAL B 101 -15.44 9.19 1.71
N PRO B 102 -16.71 8.86 2.06
CA PRO B 102 -17.20 7.48 2.10
C PRO B 102 -17.36 6.81 0.72
N LYS B 103 -17.35 5.48 0.71
CA LYS B 103 -17.52 4.68 -0.54
C LYS B 103 -18.91 4.97 -1.12
N LYS B 104 -19.90 5.20 -0.25
CA LYS B 104 -21.31 5.41 -0.66
C LYS B 104 -21.65 6.90 -0.75
N SER B 105 -20.64 7.77 -0.94
CA SER B 105 -20.90 9.20 -1.31
C SER B 105 -21.77 9.22 -2.56
N PRO B 106 -22.77 10.12 -2.69
CA PRO B 106 -23.10 11.14 -1.69
C PRO B 106 -24.22 10.79 -0.68
N TYR B 107 -24.80 9.59 -0.75
CA TYR B 107 -25.82 9.12 0.21
C TYR B 107 -25.26 9.11 1.65
N VAL B 108 -24.00 8.68 1.78
CA VAL B 108 -23.25 8.67 3.07
C VAL B 108 -22.19 9.77 3.02
N VAL B 109 -22.06 10.50 4.14
CA VAL B 109 -21.04 11.59 4.29
C VAL B 109 -20.33 11.39 5.62
N LEU B 110 -19.32 12.20 5.88
CA LEU B 110 -18.61 12.19 7.18
C LEU B 110 -19.00 13.45 7.96
N THR B 111 -19.28 13.31 9.24
CA THR B 111 -19.45 14.46 10.16
C THR B 111 -18.50 14.31 11.34
N LYS B 112 -18.17 15.44 11.96
CA LYS B 112 -17.31 15.46 13.16
C LYS B 112 -18.15 15.10 14.38
N GLU B 113 -17.90 13.91 14.93
CA GLU B 113 -18.47 13.41 16.18
C GLU B 113 -17.35 13.42 17.22
N GLU B 114 -17.46 14.30 18.22
CA GLU B 114 -16.38 14.59 19.21
C GLU B 114 -15.25 15.27 18.43
N THR B 115 -14.15 14.57 18.09
CA THR B 115 -13.05 15.18 17.29
C THR B 115 -12.65 14.33 16.08
N LYS B 116 -13.43 13.30 15.74
CA LYS B 116 -13.14 12.35 14.63
C LYS B 116 -14.26 12.43 13.57
N LEU B 117 -14.00 11.96 12.36
CA LEU B 117 -15.02 11.87 11.29
C LEU B 117 -15.67 10.47 11.32
N LYS B 118 -16.99 10.44 11.34
CA LYS B 118 -17.80 9.20 11.32
C LYS B 118 -18.91 9.33 10.27
N GLU B 119 -19.40 8.19 9.76
CA GLU B 119 -20.37 8.13 8.66
C GLU B 119 -21.73 8.62 9.13
N LYS B 120 -22.47 9.28 8.25
CA LYS B 120 -23.85 9.74 8.50
C LYS B 120 -24.62 9.68 7.17
N LEU B 121 -25.88 9.29 7.19
CA LEU B 121 -26.81 9.43 6.05
C LEU B 121 -27.08 10.92 5.83
N LEU B 122 -26.74 11.44 4.65
CA LEU B 122 -26.91 12.88 4.33
C LEU B 122 -28.39 13.27 4.45
N SER B 123 -29.31 12.40 4.04
CA SER B 123 -30.76 12.65 4.03
C SER B 123 -31.31 12.77 5.46
N LYS B 124 -30.63 12.18 6.45
CA LYS B 124 -31.02 12.31 7.87
C LYS B 124 -30.45 13.61 8.43
N LEU B 125 -29.37 14.12 7.84
CA LEU B 125 -28.68 15.36 8.28
C LEU B 125 -29.43 16.58 7.74
N ILE B 126 -29.97 16.48 6.53
CA ILE B 126 -30.56 17.63 5.79
C ILE B 126 -31.90 17.18 5.20
N TYR B 127 -32.99 17.81 5.64
CA TYR B 127 -34.37 17.55 5.17
C TYR B 127 -34.54 18.18 3.79
N GLY B 128 -35.06 17.40 2.83
CA GLY B 128 -35.38 17.87 1.47
C GLY B 128 -34.17 17.90 0.55
N LEU B 129 -33.21 17.02 0.81
CA LEU B 129 -32.01 16.78 -0.04
C LEU B 129 -32.41 16.06 -1.33
N LEU B 130 -31.95 16.55 -2.49
CA LEU B 130 -32.00 15.83 -3.79
C LEU B 130 -30.66 15.10 -4.03
N ILE B 131 -30.71 13.78 -4.11
CA ILE B 131 -29.69 12.94 -4.80
C ILE B 131 -30.37 12.25 -5.99
N SER B 132 -29.93 12.57 -7.20
CA SER B 132 -30.24 11.78 -8.42
C SER B 132 -29.42 10.50 -8.41
N PRO B 133 -30.04 9.32 -8.63
CA PRO B 133 -29.31 8.05 -8.73
C PRO B 133 -28.16 8.08 -9.75
N THR B 134 -28.29 8.90 -10.79
CA THR B 134 -27.34 8.96 -11.93
C THR B 134 -26.87 10.40 -12.18
N VAL B 135 -25.64 10.53 -12.68
CA VAL B 135 -25.00 11.76 -13.24
C VAL B 135 -24.59 11.41 -14.68
N ASN B 136 -25.13 12.12 -15.68
CA ASN B 136 -24.82 11.89 -17.13
C ASN B 136 -24.93 10.40 -17.46
N GLU B 137 -26.02 9.76 -17.04
CA GLU B 137 -26.37 8.33 -17.36
C GLU B 137 -25.47 7.34 -16.61
N LYS B 138 -24.53 7.80 -15.79
CA LYS B 138 -23.65 6.95 -14.95
C LYS B 138 -24.08 7.04 -13.47
N GLU B 139 -23.80 6.01 -12.69
CA GLU B 139 -24.09 5.95 -11.24
C GLU B 139 -23.49 7.18 -10.55
N ASN B 140 -24.30 7.83 -9.69
CA ASN B 140 -23.91 8.97 -8.83
C ASN B 140 -23.05 8.39 -7.70
N ASN B 141 -21.77 8.18 -7.96
CA ASN B 141 -20.84 7.46 -7.05
C ASN B 141 -19.41 7.73 -7.50
N PHE B 142 -18.48 7.87 -6.56
CA PHE B 142 -17.06 8.20 -6.83
C PHE B 142 -16.42 7.14 -7.75
N LYS B 143 -16.94 5.91 -7.75
CA LYS B 143 -16.42 4.87 -8.68
C LYS B 143 -16.54 5.36 -10.14
N GLU B 144 -17.43 6.31 -10.43
CA GLU B 144 -17.60 6.91 -11.78
C GLU B 144 -16.87 8.25 -11.88
N GLY B 145 -16.25 8.73 -10.81
CA GLY B 145 -15.32 9.88 -10.86
C GLY B 145 -15.91 11.18 -10.35
N VAL B 146 -17.22 11.24 -10.14
CA VAL B 146 -17.97 12.49 -9.86
C VAL B 146 -19.24 12.15 -9.06
N ILE B 147 -19.54 12.95 -8.03
CA ILE B 147 -20.83 12.90 -7.28
C ILE B 147 -21.48 14.28 -7.32
N GLU B 148 -22.81 14.30 -7.18
CA GLU B 148 -23.60 15.56 -7.14
C GLU B 148 -24.77 15.37 -6.20
N PHE B 149 -25.18 16.45 -5.56
CA PHE B 149 -26.43 16.55 -4.78
C PHE B 149 -26.88 18.02 -4.78
N THR B 150 -28.17 18.24 -4.54
CA THR B 150 -28.79 19.59 -4.50
C THR B 150 -29.38 19.79 -3.10
N LEU B 151 -28.92 20.84 -2.41
CA LEU B 151 -29.37 21.19 -1.05
C LEU B 151 -30.77 21.80 -1.16
N PRO B 152 -31.54 21.75 -0.06
CA PRO B 152 -32.96 22.15 -0.11
C PRO B 152 -33.20 23.65 -0.23
N PRO B 153 -34.48 24.08 -0.38
CA PRO B 153 -34.80 25.50 -0.43
C PRO B 153 -34.64 26.23 0.91
N VAL B 154 -34.68 25.52 2.03
CA VAL B 154 -34.55 26.08 3.40
C VAL B 154 -33.66 25.14 4.22
N VAL B 155 -32.77 25.71 5.03
CA VAL B 155 -32.02 25.00 6.09
C VAL B 155 -32.12 25.81 7.38
N HIS B 156 -32.50 25.17 8.49
CA HIS B 156 -32.77 25.82 9.80
C HIS B 156 -31.49 25.88 10.65
N LYS B 157 -30.60 24.90 10.56
CA LYS B 157 -29.45 24.73 11.49
C LYS B 157 -28.16 24.59 10.69
N ALA B 158 -27.12 25.32 11.08
CA ALA B 158 -25.76 25.18 10.51
C ALA B 158 -25.38 23.69 10.52
N THR B 159 -24.86 23.20 9.40
CA THR B 159 -24.60 21.76 9.14
C THR B 159 -23.26 21.66 8.40
N VAL B 160 -22.33 20.86 8.90
CA VAL B 160 -20.97 20.67 8.34
C VAL B 160 -20.72 19.18 8.12
N PHE B 161 -20.38 18.80 6.89
CA PHE B 161 -20.07 17.41 6.51
C PHE B 161 -18.93 17.43 5.49
N TYR B 162 -18.31 16.26 5.32
CA TYR B 162 -17.00 16.09 4.63
C TYR B 162 -17.05 14.92 3.65
N PHE B 163 -16.24 15.04 2.59
CA PHE B 163 -15.81 13.95 1.70
C PHE B 163 -14.28 13.95 1.65
N ILE B 164 -13.71 12.76 1.47
CA ILE B 164 -12.24 12.55 1.33
C ILE B 164 -11.96 11.99 -0.06
N CYS B 165 -11.05 12.63 -0.80
CA CYS B 165 -10.44 12.15 -2.05
C CYS B 165 -8.92 12.21 -1.83
N ASP B 166 -8.32 11.10 -1.43
CA ASP B 166 -6.94 11.08 -0.86
C ASP B 166 -5.98 10.41 -1.84
N ASN B 167 -5.06 11.18 -2.40
CA ASN B 167 -3.98 10.71 -3.30
C ASN B 167 -2.61 10.75 -2.60
N SER B 168 -2.56 10.92 -1.29
CA SER B 168 -1.32 11.19 -0.52
C SER B 168 -0.42 9.95 -0.43
N LYS B 169 -0.91 8.76 -0.81
CA LYS B 169 -0.11 7.50 -0.77
C LYS B 169 0.38 7.16 -2.19
N THR B 170 0.12 7.99 -3.20
CA THR B 170 0.70 7.84 -4.54
C THR B 170 2.08 8.51 -4.54
N GLU B 171 3.11 7.70 -4.73
CA GLU B 171 4.53 8.13 -4.76
C GLU B 171 5.11 7.84 -6.14
N ASP B 172 5.73 8.84 -6.74
CA ASP B 172 6.52 8.69 -8.00
C ASP B 172 7.89 9.30 -7.70
N ASP B 173 8.83 8.43 -7.30
CA ASP B 173 10.17 8.84 -6.79
C ASP B 173 9.95 9.92 -5.71
N ASN B 174 10.55 11.11 -5.81
CA ASN B 174 10.48 12.11 -4.72
C ASN B 174 9.23 12.99 -4.85
N LYS B 175 8.24 12.59 -5.68
CA LYS B 175 6.95 13.31 -5.78
C LYS B 175 5.87 12.48 -5.08
N LYS B 176 5.04 13.15 -4.28
CA LYS B 176 3.92 12.50 -3.55
C LYS B 176 2.63 13.25 -3.84
N GLY B 177 1.54 12.51 -4.04
CA GLY B 177 0.19 13.10 -4.16
C GLY B 177 -0.28 13.84 -2.93
N ASN B 178 -1.44 14.50 -3.05
CA ASN B 178 -2.04 15.31 -1.98
C ASN B 178 -3.32 14.64 -1.47
N ARG B 179 -3.71 14.98 -0.23
CA ARG B 179 -5.00 14.57 0.38
C ARG B 179 -6.05 15.66 0.12
N GLY B 180 -7.13 15.28 -0.58
CA GLY B 180 -8.26 16.17 -0.87
C GLY B 180 -9.34 16.02 0.18
N ILE B 181 -9.75 17.12 0.77
CA ILE B 181 -10.91 17.22 1.71
C ILE B 181 -11.93 18.15 1.08
N VAL B 182 -13.20 17.76 1.16
CA VAL B 182 -14.35 18.67 0.93
C VAL B 182 -15.02 18.94 2.27
N GLU B 183 -15.08 20.20 2.67
CA GLU B 183 -15.88 20.66 3.82
C GLU B 183 -17.09 21.41 3.25
N VAL B 184 -18.29 20.83 3.41
CA VAL B 184 -19.57 21.49 3.03
C VAL B 184 -20.10 22.14 4.30
N TYR B 185 -20.03 23.47 4.35
CA TYR B 185 -20.47 24.31 5.49
C TYR B 185 -21.77 25.00 5.07
N VAL B 186 -22.92 24.50 5.55
CA VAL B 186 -24.28 25.00 5.19
C VAL B 186 -24.77 25.88 6.36
N GLU B 187 -24.85 27.18 6.14
CA GLU B 187 -25.46 28.14 7.09
C GLU B 187 -26.98 28.06 6.93
N PRO B 188 -27.75 28.45 7.96
CA PRO B 188 -29.18 28.63 7.82
C PRO B 188 -29.49 29.57 6.66
N TYR B 189 -30.53 29.27 5.87
CA TYR B 189 -31.00 30.14 4.78
C TYR B 189 -32.47 29.84 4.47
N GLY B 190 -33.07 30.72 3.66
CA GLY B 190 -34.39 30.53 3.02
C GLY B 190 -35.54 30.85 3.97
N ILE C 19 13.99 17.05 -29.68
CA ILE C 19 15.06 17.58 -28.76
C ILE C 19 14.90 16.97 -27.36
N ASP C 20 13.69 16.58 -26.95
CA ASP C 20 13.50 15.67 -25.79
C ASP C 20 13.50 14.22 -26.31
N LEU C 21 14.66 13.55 -26.21
CA LEU C 21 14.90 12.17 -26.70
C LEU C 21 13.98 11.17 -25.96
N SER C 22 13.54 11.50 -24.75
CA SER C 22 12.77 10.58 -23.87
C SER C 22 11.28 10.59 -24.25
N TYR C 23 10.81 11.65 -24.93
CA TYR C 23 9.38 11.81 -25.27
C TYR C 23 8.94 10.68 -26.22
N GLU C 24 7.80 10.06 -25.91
CA GLU C 24 7.19 8.94 -26.69
C GLU C 24 5.67 9.02 -26.60
N THR C 25 4.97 8.83 -27.71
CA THR C 25 3.48 8.78 -27.73
C THR C 25 3.06 7.82 -28.86
N THR C 26 1.79 7.85 -29.22
CA THR C 26 1.23 7.05 -30.34
C THR C 26 0.20 7.91 -31.08
N GLU C 27 -0.08 7.56 -32.34
CA GLU C 27 -1.13 8.24 -33.14
C GLU C 27 -2.43 8.24 -32.33
N SER C 28 -2.78 7.13 -31.67
CA SER C 28 -4.09 6.92 -30.99
C SER C 28 -4.14 7.63 -29.64
N GLY C 29 -2.97 7.92 -29.07
CA GLY C 29 -2.83 8.53 -27.73
C GLY C 29 -3.58 7.68 -26.71
N ASP C 30 -4.50 8.28 -25.95
CA ASP C 30 -5.26 7.59 -24.88
C ASP C 30 -6.70 7.29 -25.34
N THR C 31 -7.01 7.38 -26.63
CA THR C 31 -8.40 7.21 -27.14
C THR C 31 -8.79 5.72 -27.21
N ALA C 32 -7.82 4.80 -27.30
CA ALA C 32 -8.06 3.34 -27.47
C ALA C 32 -8.58 3.00 -28.87
N VAL C 33 -8.66 3.97 -29.78
CA VAL C 33 -9.18 3.74 -31.17
C VAL C 33 -8.02 3.23 -32.05
N SER C 34 -8.26 2.19 -32.83
CA SER C 34 -7.29 1.62 -33.80
C SER C 34 -7.47 2.35 -35.13
N GLU C 35 -6.41 2.43 -35.95
CA GLU C 35 -6.35 3.33 -37.14
C GLU C 35 -7.48 2.99 -38.12
N ASP C 36 -7.95 1.74 -38.15
CA ASP C 36 -9.04 1.33 -39.07
C ASP C 36 -10.35 2.04 -38.71
N SER C 37 -10.51 2.59 -37.49
CA SER C 37 -11.72 3.36 -37.07
C SER C 37 -11.44 4.87 -36.98
N TYR C 38 -10.25 5.34 -37.33
CA TYR C 38 -10.01 6.81 -37.45
C TYR C 38 -10.99 7.34 -38.50
N ASP C 39 -11.49 8.57 -38.34
CA ASP C 39 -12.11 9.32 -39.48
C ASP C 39 -10.94 9.94 -40.26
N LYS C 40 -10.66 9.38 -41.43
CA LYS C 40 -9.51 9.76 -42.28
C LYS C 40 -10.03 10.58 -43.45
N TYR C 41 -9.35 11.68 -43.75
CA TYR C 41 -9.71 12.58 -44.87
C TYR C 41 -8.45 13.28 -45.37
N ALA C 42 -8.50 13.73 -46.62
CA ALA C 42 -7.37 14.44 -47.29
C ALA C 42 -7.37 15.88 -46.80
N SER C 43 -6.20 16.48 -46.66
CA SER C 43 -6.05 17.93 -46.45
C SER C 43 -6.85 18.69 -47.53
N GLN C 44 -7.21 19.94 -47.24
CA GLN C 44 -7.90 20.85 -48.18
C GLN C 44 -6.82 21.62 -48.96
N ASN C 45 -6.72 21.33 -50.25
CA ASN C 45 -5.57 21.69 -51.11
C ASN C 45 -6.03 22.73 -52.12
N THR C 46 -5.51 23.95 -51.99
CA THR C 46 -5.78 25.11 -52.88
C THR C 46 -4.46 25.57 -53.46
N ASN C 47 -4.30 25.35 -54.76
CA ASN C 47 -3.04 25.58 -55.50
C ASN C 47 -1.99 24.67 -54.86
N LYS C 48 -0.94 25.24 -54.27
CA LYS C 48 0.15 24.45 -53.66
C LYS C 48 0.17 24.71 -52.15
N GLU C 49 -0.98 24.99 -51.53
CA GLU C 49 -1.13 25.08 -50.05
C GLU C 49 -2.08 23.97 -49.58
N TYR C 50 -1.58 23.07 -48.73
CA TYR C 50 -2.32 21.92 -48.17
C TYR C 50 -2.65 22.24 -46.71
N VAL C 51 -3.94 22.26 -46.37
CA VAL C 51 -4.42 22.81 -45.06
C VAL C 51 -5.13 21.70 -44.27
N CYS C 52 -4.73 21.52 -43.01
CA CYS C 52 -5.49 20.74 -42.00
C CYS C 52 -6.04 21.75 -41.00
N ASP C 53 -7.34 22.05 -41.12
CA ASP C 53 -8.05 22.95 -40.19
C ASP C 53 -8.83 22.08 -39.19
N PHE C 54 -8.48 22.15 -37.91
CA PHE C 54 -9.12 21.33 -36.85
C PHE C 54 -10.17 22.12 -36.06
N THR C 55 -10.48 23.37 -36.45
CA THR C 55 -11.38 24.29 -35.69
C THR C 55 -12.75 23.63 -35.44
N ASP C 56 -13.36 23.00 -36.44
CA ASP C 56 -14.69 22.35 -36.30
C ASP C 56 -14.56 20.86 -35.98
N GLN C 57 -13.60 20.17 -36.60
CA GLN C 57 -13.40 18.70 -36.50
C GLN C 57 -13.29 18.24 -35.03
N LEU C 58 -12.74 19.06 -34.12
CA LEU C 58 -12.38 18.59 -32.75
C LEU C 58 -13.37 19.07 -31.70
N LYS C 59 -14.38 19.87 -32.07
CA LYS C 59 -15.41 20.37 -31.12
C LYS C 59 -16.07 19.17 -30.46
N PRO C 60 -16.42 19.24 -29.17
CA PRO C 60 -17.13 18.13 -28.52
C PRO C 60 -18.44 17.72 -29.22
N THR C 61 -18.68 16.42 -29.33
CA THR C 61 -19.97 15.87 -29.82
C THR C 61 -20.39 14.71 -28.91
N GLU C 62 -21.66 14.30 -29.07
CA GLU C 62 -22.29 13.15 -28.38
C GLU C 62 -21.51 11.86 -28.67
N SER C 63 -20.77 11.81 -29.79
CA SER C 63 -20.15 10.57 -30.30
C SER C 63 -18.65 10.58 -29.97
N GLY C 64 -18.17 11.61 -29.29
CA GLY C 64 -16.74 11.73 -28.96
C GLY C 64 -16.33 10.70 -27.92
N PRO C 65 -15.04 10.40 -27.77
CA PRO C 65 -13.99 10.95 -28.64
C PRO C 65 -13.74 10.12 -29.90
N LYS C 66 -13.61 10.78 -31.05
CA LYS C 66 -13.22 10.17 -32.34
C LYS C 66 -11.77 10.60 -32.66
N VAL C 67 -11.11 9.86 -33.55
CA VAL C 67 -9.79 10.28 -34.09
C VAL C 67 -10.05 10.87 -35.46
N LYS C 68 -9.63 12.12 -35.67
CA LYS C 68 -9.69 12.83 -36.96
C LYS C 68 -8.27 12.86 -37.54
N LYS C 69 -8.03 12.08 -38.59
CA LYS C 69 -6.69 12.01 -39.23
C LYS C 69 -6.74 12.76 -40.56
N CYS C 70 -6.10 13.93 -40.58
CA CYS C 70 -5.88 14.78 -41.77
C CYS C 70 -4.63 14.28 -42.52
N GLU C 71 -4.82 13.73 -43.72
CA GLU C 71 -3.76 13.13 -44.56
C GLU C 71 -3.24 14.20 -45.53
N VAL C 72 -1.98 14.61 -45.37
CA VAL C 72 -1.27 15.55 -46.28
C VAL C 72 -0.38 14.71 -47.18
N LYS C 73 -0.85 14.41 -48.39
CA LYS C 73 -0.15 13.52 -49.35
C LYS C 73 0.58 14.41 -50.38
N VAL C 74 1.90 14.39 -50.34
CA VAL C 74 2.74 15.29 -51.17
C VAL C 74 3.54 14.44 -52.17
N ASN C 75 3.37 14.66 -53.47
CA ASN C 75 4.26 14.08 -54.50
C ASN C 75 4.60 15.14 -55.58
N GLU C 76 4.61 16.40 -55.17
CA GLU C 76 4.90 17.57 -56.02
C GLU C 76 5.80 18.53 -55.25
N PRO C 77 6.58 19.37 -55.95
CA PRO C 77 7.48 20.33 -55.31
C PRO C 77 6.82 21.56 -54.68
N LEU C 78 7.53 22.11 -53.69
CA LEU C 78 7.29 23.45 -53.08
C LEU C 78 5.86 23.53 -52.53
N ILE C 79 5.35 22.44 -51.96
CA ILE C 79 4.03 22.45 -51.28
C ILE C 79 4.20 23.15 -49.91
N LYS C 80 3.30 24.08 -49.63
CA LYS C 80 3.15 24.75 -48.32
C LYS C 80 2.10 23.98 -47.51
N VAL C 81 2.48 23.54 -46.32
CA VAL C 81 1.54 22.86 -45.37
C VAL C 81 1.16 23.86 -44.29
N LYS C 82 -0.14 24.01 -44.03
CA LYS C 82 -0.68 24.85 -42.92
C LYS C 82 -1.59 23.97 -42.05
N ILE C 83 -1.38 24.02 -40.73
CA ILE C 83 -2.15 23.25 -39.71
C ILE C 83 -2.70 24.24 -38.67
N ILE C 84 -4.02 24.28 -38.56
CA ILE C 84 -4.77 25.14 -37.62
C ILE C 84 -5.27 24.23 -36.49
N CYS C 85 -4.78 24.48 -35.29
CA CYS C 85 -5.20 23.82 -34.02
C CYS C 85 -5.83 24.89 -33.15
N PRO C 86 -7.16 24.82 -32.87
CA PRO C 86 -7.84 25.87 -32.09
C PRO C 86 -7.24 26.01 -30.68
N LEU C 87 -7.05 27.25 -30.25
CA LEU C 87 -6.44 27.56 -28.93
C LEU C 87 -7.47 27.34 -27.81
N LYS C 88 -6.98 26.85 -26.66
CA LYS C 88 -7.73 26.86 -25.38
C LYS C 88 -8.32 28.27 -25.17
N GLY C 89 -9.64 28.35 -24.95
CA GLY C 89 -10.35 29.60 -24.63
C GLY C 89 -10.72 30.43 -25.85
N SER C 90 -10.37 30.02 -27.07
CA SER C 90 -10.69 30.78 -28.31
C SER C 90 -12.22 30.87 -28.46
N VAL C 91 -12.92 29.80 -28.12
CA VAL C 91 -14.39 29.80 -27.84
C VAL C 91 -14.55 29.15 -26.46
N GLU C 92 -15.39 29.71 -25.58
CA GLU C 92 -15.60 29.14 -24.22
C GLU C 92 -16.04 27.68 -24.33
N LYS C 93 -15.51 26.83 -23.44
CA LYS C 93 -15.91 25.41 -23.21
C LYS C 93 -15.30 24.46 -24.26
N LEU C 94 -15.33 24.81 -25.56
CA LEU C 94 -15.13 23.84 -26.69
C LEU C 94 -13.72 23.23 -26.65
N TYR C 95 -12.71 23.98 -26.19
CA TYR C 95 -11.28 23.61 -26.29
C TYR C 95 -10.54 23.71 -24.96
N ASP C 96 -11.27 23.57 -23.83
CA ASP C 96 -10.74 23.87 -22.47
C ASP C 96 -9.56 22.97 -22.14
N ASN C 97 -9.53 21.72 -22.64
CA ASN C 97 -8.46 20.74 -22.31
C ASN C 97 -7.64 20.36 -23.56
N ILE C 98 -7.61 21.21 -24.60
CA ILE C 98 -6.88 20.89 -25.86
C ILE C 98 -5.38 20.88 -25.57
N GLU C 99 -4.64 20.03 -26.25
CA GLU C 99 -3.15 20.08 -26.21
C GLU C 99 -2.61 19.74 -27.59
N TYR C 100 -1.38 20.17 -27.86
CA TYR C 100 -0.69 19.94 -29.14
C TYR C 100 0.70 19.38 -28.88
N VAL C 101 1.14 18.50 -29.79
CA VAL C 101 2.47 17.83 -29.76
C VAL C 101 3.00 17.80 -31.19
N PRO C 102 4.31 18.02 -31.43
CA PRO C 102 5.24 18.57 -30.44
C PRO C 102 5.01 20.05 -30.11
N LYS C 103 5.50 20.48 -28.96
CA LYS C 103 5.34 21.89 -28.49
C LYS C 103 6.12 22.78 -29.45
N LYS C 104 7.24 22.32 -30.00
CA LYS C 104 8.13 23.12 -30.88
C LYS C 104 7.83 22.85 -32.35
N SER C 105 6.62 22.40 -32.69
CA SER C 105 6.13 22.37 -34.09
C SER C 105 6.26 23.79 -34.65
N PRO C 106 6.68 23.98 -35.93
CA PRO C 106 7.00 22.89 -36.85
C PRO C 106 8.49 22.49 -36.96
N TYR C 107 9.37 23.13 -36.19
CA TYR C 107 10.83 22.77 -36.16
C TYR C 107 10.99 21.32 -35.69
N VAL C 108 10.20 20.90 -34.70
CA VAL C 108 10.19 19.50 -34.17
C VAL C 108 8.89 18.82 -34.64
N VAL C 109 9.01 17.58 -35.12
CA VAL C 109 7.85 16.75 -35.57
C VAL C 109 7.96 15.38 -34.90
N LEU C 110 6.97 14.52 -35.10
CA LEU C 110 6.99 13.12 -34.61
C LEU C 110 7.20 12.21 -35.81
N THR C 111 8.10 11.22 -35.68
CA THR C 111 8.21 10.09 -36.64
C THR C 111 8.06 8.78 -35.88
N LYS C 112 7.70 7.73 -36.61
CA LYS C 112 7.56 6.37 -36.05
C LYS C 112 8.97 5.75 -35.91
N GLU C 113 9.38 5.54 -34.68
CA GLU C 113 10.60 4.77 -34.29
C GLU C 113 10.10 3.47 -33.66
N GLU C 114 10.32 2.32 -34.32
CA GLU C 114 9.76 0.99 -33.92
C GLU C 114 8.23 1.07 -34.11
N THR C 115 7.41 1.24 -33.07
CA THR C 115 5.94 1.43 -33.23
C THR C 115 5.39 2.60 -32.41
N LYS C 116 6.27 3.49 -31.96
CA LYS C 116 5.90 4.70 -31.17
C LYS C 116 6.28 5.95 -31.98
N LEU C 117 5.67 7.08 -31.64
CA LEU C 117 6.02 8.41 -32.19
C LEU C 117 7.03 9.07 -31.25
N LYS C 118 8.14 9.53 -31.81
CA LYS C 118 9.26 10.20 -31.09
C LYS C 118 9.64 11.47 -31.84
N GLU C 119 10.22 12.43 -31.12
CA GLU C 119 10.56 13.76 -31.65
C GLU C 119 11.71 13.66 -32.66
N LYS C 120 11.66 14.50 -33.69
CA LYS C 120 12.71 14.59 -34.73
C LYS C 120 12.75 16.07 -35.17
N LEU C 121 13.94 16.59 -35.42
CA LEU C 121 14.15 17.90 -36.08
C LEU C 121 13.72 17.75 -37.55
N LEU C 122 12.69 18.49 -37.99
CA LEU C 122 12.17 18.41 -39.39
C LEU C 122 13.30 18.73 -40.39
N SER C 123 14.15 19.70 -40.08
CA SER C 123 15.27 20.17 -40.95
C SER C 123 16.31 19.06 -41.14
N LYS C 124 16.43 18.12 -40.19
CA LYS C 124 17.34 16.96 -40.33
C LYS C 124 16.65 15.87 -41.16
N LEU C 125 15.33 15.85 -41.17
CA LEU C 125 14.50 14.85 -41.89
C LEU C 125 14.42 15.22 -43.38
N ILE C 126 14.35 16.51 -43.67
CA ILE C 126 14.07 17.03 -45.04
C ILE C 126 15.06 18.16 -45.34
N TYR C 127 15.91 17.95 -46.33
CA TYR C 127 16.92 18.93 -46.82
C TYR C 127 16.19 19.99 -47.64
N GLY C 128 16.44 21.27 -47.36
CA GLY C 128 15.92 22.40 -48.15
C GLY C 128 14.53 22.82 -47.69
N LEU C 129 14.19 22.53 -46.43
CA LEU C 129 12.90 22.89 -45.79
C LEU C 129 12.88 24.39 -45.50
N LEU C 130 11.79 25.08 -45.85
CA LEU C 130 11.50 26.47 -45.39
C LEU C 130 10.57 26.42 -44.17
N ILE C 131 11.06 26.92 -43.05
CA ILE C 131 10.21 27.40 -41.92
C ILE C 131 10.48 28.90 -41.77
N SER C 132 9.45 29.72 -42.01
CA SER C 132 9.43 31.16 -41.62
C SER C 132 9.26 31.24 -40.10
N PRO C 133 10.10 32.03 -39.38
CA PRO C 133 9.92 32.23 -37.94
C PRO C 133 8.51 32.74 -37.57
N THR C 134 7.82 33.42 -38.48
CA THR C 134 6.50 34.04 -38.20
C THR C 134 5.43 33.61 -39.22
N VAL C 135 4.19 33.55 -38.76
CA VAL C 135 2.92 33.46 -39.55
C VAL C 135 2.07 34.68 -39.18
N ASN C 136 1.74 35.54 -40.15
CA ASN C 136 0.89 36.75 -39.93
C ASN C 136 1.40 37.56 -38.72
N GLU C 137 2.72 37.84 -38.70
CA GLU C 137 3.41 38.69 -37.69
C GLU C 137 3.54 37.98 -36.33
N LYS C 138 2.99 36.77 -36.17
CA LYS C 138 3.03 36.01 -34.91
C LYS C 138 4.01 34.84 -35.05
N GLU C 139 4.58 34.39 -33.93
CA GLU C 139 5.47 33.21 -33.84
C GLU C 139 4.82 32.02 -34.56
N ASN C 140 5.61 31.35 -35.41
CA ASN C 140 5.22 30.12 -36.16
C ASN C 140 5.28 28.98 -35.14
N ASN C 141 4.19 28.79 -34.40
CA ASN C 141 4.09 27.87 -33.24
C ASN C 141 2.61 27.73 -32.89
N PHE C 142 2.19 26.53 -32.46
CA PHE C 142 0.80 26.20 -32.10
C PHE C 142 0.27 27.11 -30.99
N LYS C 143 1.15 27.67 -30.15
CA LYS C 143 0.71 28.63 -29.10
C LYS C 143 -0.02 29.81 -29.75
N GLU C 144 0.23 30.10 -31.03
CA GLU C 144 -0.43 31.20 -31.78
C GLU C 144 -1.55 30.63 -32.68
N GLY C 145 -1.79 29.32 -32.68
CA GLY C 145 -3.00 28.70 -33.26
C GLY C 145 -2.75 28.03 -34.60
N VAL C 146 -1.60 28.23 -35.22
CA VAL C 146 -1.33 27.84 -36.65
C VAL C 146 0.19 27.64 -36.82
N ILE C 147 0.58 26.63 -37.58
CA ILE C 147 1.99 26.43 -38.04
C ILE C 147 1.99 26.30 -39.55
N GLU C 148 3.11 26.66 -40.18
CA GLU C 148 3.32 26.51 -41.64
C GLU C 148 4.76 26.12 -41.90
N PHE C 149 4.96 25.33 -42.94
CA PHE C 149 6.28 25.08 -43.57
C PHE C 149 6.12 24.79 -45.06
N THR C 150 7.18 24.97 -45.85
CA THR C 150 7.20 24.72 -47.32
C THR C 150 8.26 23.64 -47.59
N LEU C 151 7.81 22.53 -48.17
CA LEU C 151 8.68 21.39 -48.53
C LEU C 151 9.54 21.77 -49.73
N PRO C 152 10.70 21.09 -49.90
CA PRO C 152 11.68 21.50 -50.90
C PRO C 152 11.30 21.21 -52.34
N PRO C 153 12.13 21.63 -53.31
CA PRO C 153 11.91 21.31 -54.72
C PRO C 153 12.13 19.82 -55.06
N VAL C 154 12.93 19.11 -54.27
CA VAL C 154 13.24 17.66 -54.50
C VAL C 154 13.23 16.93 -53.15
N VAL C 155 12.66 15.72 -53.14
CA VAL C 155 12.76 14.78 -51.98
C VAL C 155 13.11 13.39 -52.55
N HIS C 156 14.17 12.76 -52.01
CA HIS C 156 14.75 11.50 -52.54
C HIS C 156 14.06 10.26 -51.93
N LYS C 157 13.66 10.31 -50.65
CA LYS C 157 13.14 9.11 -49.93
C LYS C 157 11.76 9.42 -49.33
N ALA C 158 10.83 8.47 -49.40
CA ALA C 158 9.52 8.57 -48.71
C ALA C 158 9.76 8.98 -47.25
N THR C 159 9.01 9.95 -46.77
CA THR C 159 9.20 10.61 -45.44
C THR C 159 7.82 10.83 -44.83
N VAL C 160 7.60 10.31 -43.63
CA VAL C 160 6.28 10.32 -42.94
C VAL C 160 6.51 10.87 -41.55
N PHE C 161 5.83 11.96 -41.22
CA PHE C 161 5.93 12.64 -39.92
C PHE C 161 4.53 13.14 -39.55
N TYR C 162 4.36 13.45 -38.27
CA TYR C 162 3.05 13.64 -37.62
C TYR C 162 3.07 14.87 -36.71
N PHE C 163 1.88 15.49 -36.58
CA PHE C 163 1.54 16.47 -35.52
C PHE C 163 0.28 15.96 -34.82
N ILE C 164 0.13 16.34 -33.55
CA ILE C 164 -1.05 16.01 -32.70
C ILE C 164 -1.70 17.32 -32.24
N CYS C 165 -3.00 17.45 -32.48
CA CYS C 165 -3.88 18.50 -31.92
C CYS C 165 -5.05 17.79 -31.23
N ASP C 166 -4.92 17.54 -29.92
CA ASP C 166 -5.80 16.58 -29.20
C ASP C 166 -6.78 17.33 -28.28
N ASN C 167 -8.07 17.27 -28.62
CA ASN C 167 -9.18 17.85 -27.82
C ASN C 167 -10.01 16.76 -27.13
N SER C 168 -9.53 15.52 -27.08
CA SER C 168 -10.31 14.33 -26.61
C SER C 168 -10.48 14.37 -25.08
N LYS C 169 -9.79 15.25 -24.35
CA LYS C 169 -9.96 15.38 -22.87
C LYS C 169 -10.88 16.57 -22.52
N THR C 170 -11.42 17.26 -23.51
CA THR C 170 -12.45 18.31 -23.29
C THR C 170 -13.81 17.64 -23.23
N GLU C 171 -14.47 17.77 -22.07
CA GLU C 171 -15.86 17.34 -21.84
C GLU C 171 -16.76 18.56 -21.64
N ASP C 172 -17.81 18.65 -22.44
CA ASP C 172 -18.76 19.78 -22.47
C ASP C 172 -20.15 19.16 -22.39
N ASP C 173 -20.72 19.11 -21.17
CA ASP C 173 -21.85 18.23 -20.77
C ASP C 173 -21.48 16.79 -21.16
N ASN C 174 -22.39 16.04 -21.79
CA ASN C 174 -22.13 14.61 -22.17
C ASN C 174 -21.49 14.55 -23.56
N LYS C 175 -20.93 15.65 -24.05
CA LYS C 175 -20.20 15.73 -25.34
C LYS C 175 -18.68 15.72 -25.07
N LYS C 176 -17.92 15.01 -25.91
CA LYS C 176 -16.43 14.92 -25.74
C LYS C 176 -15.74 15.36 -27.04
N GLY C 177 -14.64 16.10 -26.92
CA GLY C 177 -13.82 16.52 -28.08
C GLY C 177 -13.17 15.34 -28.81
N ASN C 178 -12.53 15.62 -29.95
CA ASN C 178 -11.88 14.60 -30.80
C ASN C 178 -10.35 14.76 -30.71
N ARG C 179 -9.62 13.68 -31.03
CA ARG C 179 -8.14 13.70 -31.21
C ARG C 179 -7.82 13.97 -32.68
N GLY C 180 -7.10 15.07 -32.93
CA GLY C 180 -6.63 15.45 -34.28
C GLY C 180 -5.23 14.93 -34.51
N ILE C 181 -5.03 14.21 -35.61
CA ILE C 181 -3.70 13.77 -36.11
C ILE C 181 -3.48 14.41 -37.48
N VAL C 182 -2.25 14.89 -37.71
CA VAL C 182 -1.75 15.20 -39.07
C VAL C 182 -0.71 14.14 -39.45
N GLU C 183 -0.96 13.41 -40.53
CA GLU C 183 0.07 12.55 -41.18
C GLU C 183 0.54 13.26 -42.45
N VAL C 184 1.78 13.70 -42.47
CA VAL C 184 2.42 14.26 -43.69
C VAL C 184 3.20 13.11 -44.33
N TYR C 185 2.69 12.60 -45.45
CA TYR C 185 3.26 11.48 -46.23
C TYR C 185 3.86 12.09 -47.50
N VAL C 186 5.20 12.25 -47.54
CA VAL C 186 5.97 12.84 -48.66
C VAL C 186 6.56 11.68 -49.47
N GLU C 187 6.07 11.49 -50.69
CA GLU C 187 6.68 10.55 -51.67
C GLU C 187 7.87 11.24 -52.32
N PRO C 188 8.83 10.47 -52.86
CA PRO C 188 9.90 11.06 -53.66
C PRO C 188 9.31 11.89 -54.81
N TYR C 189 9.92 13.04 -55.11
CA TYR C 189 9.50 13.90 -56.24
C TYR C 189 10.70 14.76 -56.69
N GLY C 190 10.59 15.32 -57.90
CA GLY C 190 11.70 16.04 -58.57
C GLY C 190 12.81 15.08 -58.98
N GLN D 1 25.98 -16.67 19.14
CA GLN D 1 24.61 -16.40 18.64
C GLN D 1 24.13 -17.57 17.76
N VAL D 2 22.88 -17.49 17.33
CA VAL D 2 22.21 -18.52 16.49
C VAL D 2 22.82 -18.46 15.09
N GLN D 3 23.09 -19.62 14.49
CA GLN D 3 23.62 -19.77 13.12
C GLN D 3 22.77 -20.82 12.39
N LEU D 4 22.25 -20.48 11.22
CA LEU D 4 21.62 -21.45 10.29
C LEU D 4 22.58 -21.62 9.12
N VAL D 5 23.06 -22.84 8.88
CA VAL D 5 24.01 -23.16 7.78
C VAL D 5 23.33 -24.19 6.89
N GLN D 6 23.15 -23.83 5.63
CA GLN D 6 22.43 -24.65 4.63
C GLN D 6 23.44 -25.39 3.75
N SER D 7 23.01 -26.50 3.15
CA SER D 7 23.81 -27.28 2.18
C SER D 7 24.11 -26.41 0.97
N GLY D 8 25.14 -26.75 0.20
CA GLY D 8 25.65 -25.95 -0.92
C GLY D 8 24.75 -25.96 -2.13
N ALA D 9 25.01 -25.01 -3.04
CA ALA D 9 24.38 -24.90 -4.38
C ALA D 9 24.40 -26.27 -5.06
N GLU D 10 23.34 -26.53 -5.82
CA GLU D 10 23.13 -27.79 -6.58
C GLU D 10 22.63 -27.47 -7.96
N VAL D 11 23.02 -28.32 -8.92
CA VAL D 11 22.48 -28.33 -10.30
C VAL D 11 21.72 -29.64 -10.46
N LYS D 12 20.46 -29.56 -10.88
CA LYS D 12 19.51 -30.68 -10.89
C LYS D 12 18.87 -30.76 -12.29
N LYS D 13 18.57 -31.96 -12.75
CA LYS D 13 17.89 -32.18 -14.05
C LYS D 13 16.39 -31.94 -13.83
N PRO D 14 15.66 -31.50 -14.87
CA PRO D 14 14.20 -31.48 -14.83
C PRO D 14 13.67 -32.84 -14.40
N GLY D 15 12.64 -32.84 -13.55
CA GLY D 15 11.98 -34.06 -13.03
C GLY D 15 12.64 -34.66 -11.81
N SER D 16 13.84 -34.18 -11.43
CA SER D 16 14.57 -34.70 -10.26
C SER D 16 13.95 -34.11 -8.99
N SER D 17 14.40 -34.62 -7.86
CA SER D 17 14.05 -34.14 -6.52
C SER D 17 15.32 -33.59 -5.87
N VAL D 18 15.20 -32.50 -5.14
CA VAL D 18 16.35 -31.92 -4.40
C VAL D 18 15.97 -31.91 -2.91
N LYS D 19 16.93 -32.24 -2.05
CA LYS D 19 16.73 -32.24 -0.57
C LYS D 19 17.77 -31.28 -0.02
N VAL D 20 17.33 -30.13 0.47
CA VAL D 20 18.21 -29.05 1.04
C VAL D 20 18.22 -29.24 2.54
N SER D 21 19.41 -29.12 3.16
CA SER D 21 19.58 -29.25 4.63
C SER D 21 19.85 -27.87 5.24
N CYS D 22 19.45 -27.73 6.50
CA CYS D 22 19.54 -26.49 7.30
C CYS D 22 19.96 -26.88 8.72
N LYS D 23 21.25 -26.74 9.02
CA LYS D 23 21.83 -27.07 10.35
C LYS D 23 21.63 -25.85 11.25
N VAL D 24 21.01 -26.08 12.42
CA VAL D 24 20.76 -25.01 13.42
C VAL D 24 21.72 -25.21 14.60
N SER D 25 22.47 -24.17 14.97
CA SER D 25 23.35 -24.16 16.17
C SER D 25 23.08 -22.90 17.00
N GLY D 26 23.20 -23.00 18.34
CA GLY D 26 22.74 -21.96 19.28
C GLY D 26 21.23 -22.06 19.47
N GLY D 27 20.69 -21.45 20.51
CA GLY D 27 19.26 -21.58 20.83
C GLY D 27 18.77 -23.03 20.82
N THR D 28 17.47 -23.18 20.60
CA THR D 28 16.66 -24.39 20.90
C THR D 28 16.02 -24.85 19.60
N PHE D 29 16.13 -26.15 19.28
CA PHE D 29 15.72 -26.71 17.98
C PHE D 29 14.28 -27.21 18.05
N ASN D 30 13.92 -27.96 19.10
CA ASN D 30 12.76 -28.89 19.04
C ASN D 30 11.43 -28.13 19.03
N THR D 31 11.36 -26.93 19.59
CA THR D 31 10.08 -26.25 19.93
C THR D 31 9.88 -24.92 19.17
N TYR D 32 10.78 -24.59 18.23
CA TYR D 32 10.72 -23.38 17.38
C TYR D 32 10.53 -23.77 15.92
N ALA D 33 9.63 -23.07 15.22
CA ALA D 33 9.34 -23.31 13.80
C ALA D 33 10.60 -23.01 12.96
N ILE D 34 10.96 -23.97 12.10
CA ILE D 34 11.92 -23.78 10.98
C ILE D 34 11.09 -23.60 9.72
N ILE D 35 11.35 -22.52 9.00
CA ILE D 35 10.50 -21.96 7.91
C ILE D 35 11.30 -22.05 6.61
N TRP D 36 10.64 -22.36 5.50
CA TRP D 36 11.27 -22.40 4.17
C TRP D 36 10.62 -21.36 3.26
N VAL D 37 11.47 -20.52 2.65
CA VAL D 37 11.09 -19.41 1.74
C VAL D 37 12.04 -19.45 0.54
N ARG D 38 11.51 -19.36 -0.67
CA ARG D 38 12.37 -19.35 -1.88
C ARG D 38 12.21 -18.02 -2.64
N GLN D 39 13.17 -17.78 -3.53
CA GLN D 39 13.27 -16.55 -4.33
C GLN D 39 13.86 -16.92 -5.68
N ALA D 40 13.04 -16.92 -6.74
CA ALA D 40 13.48 -17.18 -8.12
C ALA D 40 14.29 -15.96 -8.54
N PRO D 41 15.30 -16.08 -9.44
CA PRO D 41 16.24 -14.99 -9.68
C PRO D 41 15.48 -13.75 -10.15
N GLY D 42 15.73 -12.62 -9.48
CA GLY D 42 15.14 -11.31 -9.78
C GLY D 42 13.68 -11.23 -9.36
N GLN D 43 13.12 -12.25 -8.71
CA GLN D 43 11.68 -12.30 -8.33
C GLN D 43 11.53 -12.10 -6.81
N GLY D 44 10.30 -12.20 -6.29
CA GLY D 44 9.98 -11.96 -4.87
C GLY D 44 10.15 -13.19 -4.01
N LEU D 45 9.75 -13.06 -2.74
CA LEU D 45 9.87 -14.09 -1.69
C LEU D 45 8.57 -14.87 -1.66
N GLU D 46 8.68 -16.20 -1.53
CA GLU D 46 7.53 -17.13 -1.54
C GLU D 46 7.70 -18.13 -0.39
N TRP D 47 6.78 -18.09 0.56
CA TRP D 47 6.71 -19.05 1.70
C TRP D 47 6.36 -20.43 1.16
N MET D 48 7.11 -21.45 1.57
CA MET D 48 6.89 -22.84 1.10
C MET D 48 6.25 -23.69 2.21
N GLY D 49 6.60 -23.44 3.46
CA GLY D 49 6.09 -24.22 4.61
C GLY D 49 6.97 -24.10 5.83
N ALA D 50 6.68 -24.88 6.87
CA ALA D 50 7.33 -24.78 8.18
C ALA D 50 7.15 -26.10 8.92
N ILE D 51 8.07 -26.39 9.83
CA ILE D 51 7.98 -27.52 10.80
C ILE D 51 8.41 -27.01 12.17
N ILE D 52 7.64 -27.39 13.20
CA ILE D 52 8.10 -27.40 14.62
C ILE D 52 8.58 -28.82 14.88
N PRO D 53 9.92 -29.02 14.97
CA PRO D 53 10.50 -30.37 14.94
C PRO D 53 9.87 -31.45 15.85
N PHE D 54 9.45 -31.12 17.08
CA PHE D 54 8.85 -32.14 18.01
C PHE D 54 7.57 -32.74 17.40
N GLN D 55 6.91 -32.04 16.47
CA GLN D 55 5.59 -32.45 15.91
C GLN D 55 5.75 -33.54 14.83
N ASP D 56 6.93 -33.68 14.22
CA ASP D 56 7.18 -34.71 13.17
C ASP D 56 6.13 -34.61 12.04
N ARG D 57 5.67 -33.40 11.70
CA ARG D 57 4.82 -33.09 10.51
C ARG D 57 5.01 -31.61 10.15
N GLY D 58 5.39 -31.31 8.92
CA GLY D 58 5.44 -29.94 8.38
C GLY D 58 4.07 -29.45 7.92
N GLN D 59 3.93 -28.15 7.71
CA GLN D 59 2.77 -27.51 7.04
C GLN D 59 3.28 -26.82 5.76
N TYR D 60 2.48 -26.85 4.69
CA TYR D 60 2.92 -26.49 3.31
C TYR D 60 1.95 -25.50 2.68
N ALA D 61 2.47 -24.63 1.80
CA ALA D 61 1.64 -23.85 0.87
C ALA D 61 0.97 -24.82 -0.11
N GLN D 62 -0.34 -24.69 -0.29
CA GLN D 62 -1.17 -25.51 -1.20
C GLN D 62 -0.60 -25.41 -2.63
N LYS D 63 -0.07 -24.26 -3.03
CA LYS D 63 0.60 -24.02 -4.34
C LYS D 63 1.51 -25.19 -4.74
N PHE D 64 2.23 -25.78 -3.77
CA PHE D 64 3.27 -26.79 -4.04
C PHE D 64 2.65 -28.18 -4.15
N GLN D 65 1.33 -28.31 -3.95
CA GLN D 65 0.53 -29.52 -4.28
C GLN D 65 1.29 -30.80 -3.91
N GLY D 66 1.83 -30.85 -2.70
CA GLY D 66 2.53 -32.01 -2.13
C GLY D 66 3.92 -32.27 -2.70
N ARG D 67 4.44 -31.42 -3.61
CA ARG D 67 5.82 -31.55 -4.15
C ARG D 67 6.84 -31.26 -3.05
N VAL D 68 6.41 -30.66 -1.93
CA VAL D 68 7.34 -30.21 -0.85
C VAL D 68 7.16 -31.13 0.34
N THR D 69 8.27 -31.63 0.88
CA THR D 69 8.31 -32.40 2.15
C THR D 69 9.29 -31.70 3.08
N ILE D 70 8.83 -31.30 4.27
CA ILE D 70 9.72 -30.64 5.27
C ILE D 70 9.82 -31.56 6.48
N THR D 71 11.05 -31.89 6.88
CA THR D 71 11.32 -32.85 7.97
C THR D 71 12.37 -32.20 8.86
N ALA D 72 12.61 -32.81 10.01
CA ALA D 72 13.68 -32.38 10.95
C ALA D 72 14.23 -33.61 11.65
N ASP D 73 15.55 -33.68 11.76
CA ASP D 73 16.29 -34.64 12.60
C ASP D 73 16.62 -33.91 13.92
N LYS D 74 15.83 -34.16 14.97
CA LYS D 74 16.05 -33.58 16.31
C LYS D 74 17.43 -33.98 16.84
N SER D 75 17.91 -35.17 16.52
CA SER D 75 19.21 -35.69 17.06
C SER D 75 20.39 -34.91 16.48
N THR D 76 20.25 -34.24 15.33
CA THR D 76 21.37 -33.46 14.69
C THR D 76 21.02 -31.98 14.57
N SER D 77 19.86 -31.55 15.09
CA SER D 77 19.37 -30.15 14.94
C SER D 77 19.41 -29.74 13.46
N THR D 78 18.99 -30.63 12.54
CA THR D 78 18.98 -30.35 11.08
C THR D 78 17.54 -30.46 10.55
N ALA D 79 17.09 -29.42 9.83
CA ALA D 79 15.82 -29.40 9.08
C ALA D 79 16.11 -29.63 7.60
N TYR D 80 15.10 -30.15 6.90
CA TYR D 80 15.19 -30.54 5.47
C TYR D 80 13.96 -30.06 4.74
N MET D 81 14.22 -29.59 3.52
CA MET D 81 13.19 -29.32 2.52
C MET D 81 13.51 -30.16 1.28
N GLU D 82 12.57 -31.02 0.87
CA GLU D 82 12.64 -31.78 -0.40
C GLU D 82 11.58 -31.23 -1.36
N LEU D 83 11.99 -30.84 -2.57
CA LEU D 83 11.10 -30.42 -3.68
C LEU D 83 11.25 -31.45 -4.81
N SER D 84 10.14 -32.05 -5.23
CA SER D 84 10.12 -33.10 -6.28
C SER D 84 9.62 -32.48 -7.58
N SER D 85 9.70 -33.23 -8.68
CA SER D 85 9.21 -32.85 -10.04
C SER D 85 9.79 -31.48 -10.43
N LEU D 86 11.08 -31.28 -10.23
CA LEU D 86 11.73 -29.96 -10.49
C LEU D 86 11.53 -29.56 -11.95
N ARG D 87 11.31 -28.27 -12.19
CA ARG D 87 11.19 -27.63 -13.52
C ARG D 87 12.01 -26.33 -13.49
N SER D 88 12.18 -25.71 -14.65
CA SER D 88 12.85 -24.40 -14.87
C SER D 88 12.42 -23.37 -13.81
N GLU D 89 11.11 -23.26 -13.56
CA GLU D 89 10.53 -22.22 -12.67
C GLU D 89 10.96 -22.44 -11.20
N ASP D 90 11.48 -23.62 -10.86
CA ASP D 90 11.96 -23.95 -9.50
C ASP D 90 13.43 -23.54 -9.30
N THR D 91 14.12 -23.05 -10.33
CA THR D 91 15.43 -22.41 -10.18
C THR D 91 15.28 -21.24 -9.22
N ALA D 92 15.96 -21.27 -8.08
CA ALA D 92 15.75 -20.29 -7.00
C ALA D 92 16.80 -20.47 -5.92
N VAL D 93 16.95 -19.45 -5.07
CA VAL D 93 17.60 -19.59 -3.75
C VAL D 93 16.51 -20.01 -2.74
N TYR D 94 16.76 -21.13 -2.08
CA TYR D 94 15.88 -21.70 -1.02
C TYR D 94 16.49 -21.29 0.32
N TYR D 95 15.72 -20.54 1.09
CA TYR D 95 16.12 -20.08 2.45
C TYR D 95 15.40 -20.91 3.50
N CYS D 96 16.19 -21.31 4.50
CA CYS D 96 15.63 -21.73 5.81
C CYS D 96 15.77 -20.54 6.75
N ALA D 97 14.82 -20.42 7.65
CA ALA D 97 14.78 -19.37 8.68
C ALA D 97 14.10 -19.96 9.92
N LYS D 98 14.26 -19.29 11.05
CA LYS D 98 13.64 -19.75 12.31
C LYS D 98 13.00 -18.56 13.01
N GLU D 99 11.98 -18.85 13.80
CA GLU D 99 11.42 -17.91 14.80
C GLU D 99 12.08 -18.21 16.16
N SER D 100 12.18 -17.17 16.98
CA SER D 100 12.94 -17.15 18.24
C SER D 100 12.03 -16.68 19.40
N GLY D 101 10.74 -17.01 19.33
CA GLY D 101 9.74 -16.68 20.35
C GLY D 101 9.05 -15.33 20.13
N ARG D 102 9.34 -14.64 19.01
CA ARG D 102 8.67 -13.37 18.69
C ARG D 102 7.81 -13.53 17.42
N ALA D 103 7.44 -14.79 17.10
CA ALA D 103 6.55 -15.21 15.99
C ALA D 103 7.18 -15.01 14.60
N VAL D 104 7.99 -13.97 14.39
CA VAL D 104 8.61 -13.64 13.07
C VAL D 104 9.83 -14.52 12.84
N ALA D 105 10.13 -14.78 11.57
CA ALA D 105 11.40 -15.36 11.09
C ALA D 105 12.51 -14.33 11.26
N ASP D 106 13.35 -14.50 12.28
CA ASP D 106 14.34 -13.46 12.65
C ASP D 106 15.77 -14.02 12.56
N ARG D 107 15.96 -15.29 12.19
CA ARG D 107 17.32 -15.85 11.91
C ARG D 107 17.25 -16.62 10.59
N TRP D 108 18.21 -16.35 9.69
CA TRP D 108 18.15 -16.77 8.27
C TRP D 108 19.43 -17.53 7.90
N GLY D 109 19.28 -18.62 7.16
CA GLY D 109 20.40 -19.26 6.45
C GLY D 109 20.94 -18.37 5.35
N GLN D 110 22.07 -18.75 4.77
CA GLN D 110 22.74 -18.04 3.63
C GLN D 110 21.95 -18.29 2.33
N GLY D 111 21.03 -19.25 2.32
CA GLY D 111 20.32 -19.71 1.11
C GLY D 111 21.05 -20.82 0.37
N THR D 112 20.29 -21.66 -0.33
CA THR D 112 20.83 -22.74 -1.20
C THR D 112 20.34 -22.45 -2.61
N LEU D 113 21.26 -22.14 -3.54
CA LEU D 113 20.93 -21.98 -4.98
C LEU D 113 20.69 -23.37 -5.56
N VAL D 114 19.52 -23.57 -6.16
CA VAL D 114 19.17 -24.80 -6.92
C VAL D 114 18.92 -24.37 -8.35
N THR D 115 19.78 -24.77 -9.28
CA THR D 115 19.59 -24.48 -10.72
C THR D 115 19.07 -25.75 -11.38
N VAL D 116 17.88 -25.67 -11.97
CA VAL D 116 17.27 -26.76 -12.78
C VAL D 116 17.70 -26.57 -14.24
N SER D 117 18.47 -27.52 -14.77
CA SER D 117 19.19 -27.45 -16.06
C SER D 117 19.20 -28.82 -16.75
N SER D 118 18.81 -28.91 -18.02
CA SER D 118 18.89 -30.15 -18.84
C SER D 118 20.36 -30.54 -19.02
N GLY D 142 -7.75 -18.92 -2.42
CA GLY D 142 -8.72 -19.54 -1.49
C GLY D 142 -8.40 -19.20 -0.05
N SER D 143 -8.94 -18.08 0.44
CA SER D 143 -8.87 -17.57 1.85
C SER D 143 -7.53 -16.87 2.13
N ASP D 144 -6.57 -16.92 1.19
CA ASP D 144 -5.18 -16.47 1.43
C ASP D 144 -5.16 -14.95 1.54
N ILE D 145 -4.32 -14.40 2.41
CA ILE D 145 -4.17 -12.93 2.54
C ILE D 145 -3.24 -12.46 1.41
N VAL D 146 -3.71 -11.52 0.61
CA VAL D 146 -2.89 -10.87 -0.45
C VAL D 146 -2.30 -9.59 0.16
N MET D 147 -0.96 -9.46 0.11
CA MET D 147 -0.24 -8.24 0.51
C MET D 147 0.12 -7.46 -0.77
N THR D 148 -0.39 -6.22 -0.87
CA THR D 148 -0.14 -5.28 -1.99
C THR D 148 0.78 -4.17 -1.51
N GLN D 149 1.98 -4.15 -2.08
CA GLN D 149 3.08 -3.22 -1.75
C GLN D 149 3.17 -2.17 -2.87
N SER D 150 3.39 -0.92 -2.49
CA SER D 150 3.59 0.20 -3.45
C SER D 150 4.48 1.24 -2.80
N PRO D 151 5.23 2.05 -3.59
CA PRO D 151 5.34 1.86 -5.03
C PRO D 151 6.26 0.66 -5.34
N ALA D 152 6.19 0.13 -6.55
CA ALA D 152 7.07 -0.98 -7.03
C ALA D 152 8.52 -0.53 -6.98
N SER D 153 8.82 0.71 -7.38
CA SER D 153 10.20 1.27 -7.37
C SER D 153 10.20 2.68 -6.81
N LEU D 154 11.32 3.05 -6.18
CA LEU D 154 11.61 4.40 -5.64
C LEU D 154 13.06 4.71 -5.99
N ALA D 155 13.29 5.79 -6.72
CA ALA D 155 14.63 6.37 -6.94
C ALA D 155 14.69 7.71 -6.18
N LEU D 156 15.58 7.81 -5.21
CA LEU D 156 15.66 8.92 -4.24
C LEU D 156 17.13 9.22 -4.01
N SER D 157 17.41 10.40 -3.44
CA SER D 157 18.79 10.88 -3.16
C SER D 157 19.05 10.80 -1.65
N LEU D 158 20.33 10.69 -1.27
CA LEU D 158 20.79 10.80 0.14
C LEU D 158 20.08 11.97 0.83
N GLY D 159 19.62 11.74 2.06
CA GLY D 159 18.96 12.73 2.92
C GLY D 159 17.47 12.86 2.68
N GLU D 160 16.91 12.26 1.64
CA GLU D 160 15.44 12.36 1.36
C GLU D 160 14.67 11.31 2.18
N ARG D 161 13.36 11.48 2.26
CA ARG D 161 12.43 10.60 3.04
C ARG D 161 11.86 9.56 2.09
N ALA D 162 11.86 8.29 2.48
CA ALA D 162 11.27 7.16 1.72
C ALA D 162 10.10 6.63 2.52
N THR D 163 8.95 6.48 1.88
CA THR D 163 7.75 5.86 2.47
C THR D 163 7.39 4.65 1.60
N LEU D 164 7.13 3.51 2.24
CA LEU D 164 6.71 2.24 1.59
C LEU D 164 5.33 1.88 2.16
N TYR D 165 4.42 1.44 1.30
CA TYR D 165 3.02 1.13 1.68
C TYR D 165 2.80 -0.37 1.46
N CYS D 166 2.00 -0.96 2.34
CA CYS D 166 1.63 -2.38 2.30
C CYS D 166 0.18 -2.50 2.77
N ARG D 167 -0.71 -2.98 1.91
CA ARG D 167 -2.13 -3.24 2.24
C ARG D 167 -2.35 -4.75 2.30
N ALA D 168 -3.09 -5.21 3.30
CA ALA D 168 -3.52 -6.61 3.48
C ALA D 168 -4.97 -6.72 3.00
N SER D 169 -5.33 -7.84 2.38
CA SER D 169 -6.69 -8.04 1.80
C SER D 169 -7.70 -8.35 2.92
N HIS D 170 -7.24 -8.85 4.07
CA HIS D 170 -8.04 -9.04 5.32
C HIS D 170 -7.20 -8.52 6.51
N SER D 171 -7.86 -8.15 7.59
CA SER D 171 -7.23 -7.69 8.85
C SER D 171 -6.14 -8.68 9.26
N ILE D 172 -4.96 -8.18 9.61
CA ILE D 172 -3.85 -9.02 10.15
C ILE D 172 -3.46 -8.45 11.52
N SER D 173 -4.33 -7.64 12.13
CA SER D 173 -4.04 -6.88 13.36
C SER D 173 -2.70 -6.18 13.16
N SER D 174 -1.68 -6.51 13.96
CA SER D 174 -0.35 -5.87 13.89
C SER D 174 0.71 -6.90 13.51
N TRP D 175 0.30 -8.07 12.99
CA TRP D 175 1.21 -9.20 12.67
C TRP D 175 1.82 -8.94 11.29
N LEU D 176 2.55 -7.84 11.17
CA LEU D 176 3.22 -7.48 9.90
C LEU D 176 4.70 -7.19 10.15
N ALA D 177 5.56 -7.73 9.30
CA ALA D 177 7.02 -7.56 9.35
C ALA D 177 7.53 -6.89 8.07
N TRP D 178 8.61 -6.13 8.19
CA TRP D 178 9.32 -5.47 7.08
C TRP D 178 10.74 -6.06 7.04
N TYR D 179 11.14 -6.55 5.87
CA TYR D 179 12.50 -7.05 5.58
C TYR D 179 13.20 -6.11 4.58
N GLN D 180 14.51 -6.01 4.73
CA GLN D 180 15.44 -5.35 3.79
C GLN D 180 16.27 -6.45 3.14
N GLN D 181 16.46 -6.43 1.81
CA GLN D 181 17.30 -7.43 1.13
C GLN D 181 18.25 -6.73 0.16
N LYS D 182 19.55 -7.00 0.33
CA LYS D 182 20.65 -6.59 -0.56
C LYS D 182 20.87 -7.67 -1.59
N PRO D 183 21.45 -7.34 -2.77
CA PRO D 183 21.64 -8.32 -3.84
C PRO D 183 22.47 -9.53 -3.37
N GLY D 184 21.96 -10.76 -3.58
CA GLY D 184 22.65 -12.01 -3.25
C GLY D 184 22.78 -12.25 -1.75
N LYS D 185 21.85 -11.72 -0.94
CA LYS D 185 21.88 -11.86 0.53
C LYS D 185 20.48 -12.21 1.05
N ALA D 186 20.42 -12.87 2.18
CA ALA D 186 19.16 -13.24 2.85
C ALA D 186 18.43 -11.97 3.27
N PRO D 187 17.08 -12.01 3.29
CA PRO D 187 16.31 -10.94 3.87
C PRO D 187 16.76 -10.67 5.32
N LYS D 188 16.79 -9.40 5.69
CA LYS D 188 17.15 -8.92 7.05
C LYS D 188 15.89 -8.31 7.69
N LEU D 189 15.45 -8.83 8.83
CA LEU D 189 14.30 -8.26 9.58
C LEU D 189 14.62 -6.85 10.08
N LEU D 190 13.78 -5.85 9.75
CA LEU D 190 13.94 -4.47 10.26
C LEU D 190 12.85 -4.16 11.30
N ILE D 191 11.61 -4.53 11.02
CA ILE D 191 10.42 -4.17 11.85
C ILE D 191 9.50 -5.37 11.96
N TYR D 192 8.97 -5.63 13.16
CA TYR D 192 7.95 -6.69 13.41
C TYR D 192 6.84 -6.13 14.30
N LYS D 193 5.71 -6.84 14.36
CA LYS D 193 4.47 -6.35 15.04
C LYS D 193 4.19 -4.92 14.56
N ALA D 194 4.32 -4.65 13.25
CA ALA D 194 4.00 -3.40 12.53
C ALA D 194 4.97 -2.25 12.88
N SER D 195 5.39 -2.08 14.13
CA SER D 195 6.11 -0.85 14.57
C SER D 195 7.34 -1.14 15.45
N THR D 196 7.66 -2.39 15.79
CA THR D 196 8.79 -2.70 16.70
C THR D 196 10.07 -2.87 15.88
N LEU D 197 11.08 -2.02 16.12
CA LEU D 197 12.42 -2.13 15.46
C LEU D 197 13.13 -3.37 16.01
N GLU D 198 13.73 -4.17 15.12
CA GLU D 198 14.67 -5.24 15.49
C GLU D 198 15.91 -4.59 16.13
N SER D 199 16.55 -5.31 17.03
CA SER D 199 17.81 -4.91 17.69
C SER D 199 18.80 -4.47 16.59
N GLY D 200 19.47 -3.35 16.80
CA GLY D 200 20.52 -2.85 15.88
C GLY D 200 19.96 -2.00 14.75
N VAL D 201 18.64 -1.95 14.57
CA VAL D 201 18.07 -1.17 13.44
C VAL D 201 18.06 0.30 13.83
N PRO D 202 18.66 1.21 13.00
CA PRO D 202 18.76 2.62 13.37
C PRO D 202 17.40 3.33 13.41
N SER D 203 17.35 4.44 14.15
CA SER D 203 16.10 5.13 14.58
C SER D 203 15.43 5.84 13.40
N ARG D 204 16.13 6.04 12.28
CA ARG D 204 15.56 6.68 11.07
C ARG D 204 14.53 5.74 10.43
N PHE D 205 14.50 4.47 10.81
CA PHE D 205 13.43 3.51 10.39
C PHE D 205 12.27 3.59 11.39
N SER D 206 11.04 3.61 10.89
CA SER D 206 9.82 3.47 11.72
C SER D 206 8.71 2.82 10.90
N GLY D 207 7.85 2.07 11.57
CA GLY D 207 6.72 1.39 10.94
C GLY D 207 5.45 1.82 11.64
N SER D 208 4.33 1.78 10.93
CA SER D 208 3.03 2.26 11.41
C SER D 208 1.94 1.41 10.78
N GLY D 209 0.82 1.31 11.49
CA GLY D 209 -0.43 0.76 10.96
C GLY D 209 -0.88 -0.44 11.75
N SER D 210 -2.12 -0.83 11.49
CA SER D 210 -2.88 -1.92 12.15
C SER D 210 -4.05 -2.27 11.23
N GLY D 211 -4.61 -3.47 11.34
CA GLY D 211 -5.71 -3.91 10.46
C GLY D 211 -5.18 -4.26 9.08
N THR D 212 -5.30 -3.33 8.12
CA THR D 212 -5.09 -3.59 6.67
C THR D 212 -4.10 -2.61 6.04
N GLU D 213 -3.73 -1.51 6.69
CA GLU D 213 -2.87 -0.48 6.05
C GLU D 213 -1.63 -0.26 6.88
N PHE D 214 -0.46 -0.42 6.25
CA PHE D 214 0.85 -0.38 6.92
C PHE D 214 1.80 0.50 6.10
N THR D 215 2.76 1.12 6.78
CA THR D 215 3.81 1.97 6.16
C THR D 215 5.13 1.70 6.88
N LEU D 216 6.21 1.72 6.12
CA LEU D 216 7.58 1.84 6.65
C LEU D 216 8.12 3.17 6.13
N THR D 217 8.77 3.92 7.01
CA THR D 217 9.30 5.27 6.73
C THR D 217 10.80 5.26 7.06
N ILE D 218 11.62 5.71 6.12
CA ILE D 218 13.04 6.08 6.38
C ILE D 218 13.13 7.60 6.36
N SER D 219 13.36 8.23 7.51
CA SER D 219 13.25 9.71 7.68
C SER D 219 14.24 10.39 6.73
N SER D 220 15.46 9.85 6.60
CA SER D 220 16.60 10.48 5.90
C SER D 220 17.58 9.42 5.39
N LEU D 221 17.61 9.18 4.09
CA LEU D 221 18.29 8.00 3.46
C LEU D 221 19.81 8.10 3.59
N GLN D 222 20.46 7.02 4.02
CA GLN D 222 21.94 6.86 4.07
C GLN D 222 22.34 5.90 2.96
N PRO D 223 23.63 5.80 2.59
CA PRO D 223 24.06 4.89 1.53
C PRO D 223 23.67 3.43 1.76
N ASP D 224 23.62 2.98 3.02
CA ASP D 224 23.35 1.57 3.38
C ASP D 224 21.86 1.21 3.15
N ASP D 225 21.00 2.19 2.85
CA ASP D 225 19.52 2.02 2.86
C ASP D 225 19.00 1.55 1.52
N PHE D 226 19.82 1.64 0.46
CA PHE D 226 19.40 1.25 -0.91
C PHE D 226 19.39 -0.27 -0.98
N ALA D 227 18.25 -0.85 -1.36
CA ALA D 227 17.91 -2.27 -1.22
C ALA D 227 16.49 -2.52 -1.75
N THR D 228 16.07 -3.78 -1.79
CA THR D 228 14.65 -4.15 -2.00
C THR D 228 14.04 -4.41 -0.61
N TYR D 229 12.83 -3.90 -0.38
CA TYR D 229 12.11 -4.02 0.90
C TYR D 229 10.85 -4.83 0.68
N TYR D 230 10.53 -5.71 1.62
CA TYR D 230 9.33 -6.58 1.55
C TYR D 230 8.55 -6.47 2.84
N CYS D 231 7.22 -6.34 2.74
CA CYS D 231 6.36 -6.56 3.90
C CYS D 231 5.91 -8.01 3.88
N GLN D 232 5.61 -8.53 5.07
CA GLN D 232 5.11 -9.91 5.19
C GLN D 232 4.12 -9.97 6.33
N GLN D 233 2.94 -10.53 6.07
CA GLN D 233 1.94 -10.86 7.12
C GLN D 233 2.33 -12.20 7.72
N TYR D 234 2.24 -12.33 9.06
CA TYR D 234 2.40 -13.60 9.79
C TYR D 234 1.20 -13.78 10.72
N LYS D 235 0.04 -13.25 10.32
CA LYS D 235 -1.26 -13.56 10.95
C LYS D 235 -1.55 -15.05 10.78
N SER D 236 -1.52 -15.59 9.56
CA SER D 236 -1.99 -16.97 9.30
C SER D 236 -1.22 -17.57 8.11
N TYR D 237 -1.04 -18.89 8.13
CA TYR D 237 -0.43 -19.67 7.03
C TYR D 237 -1.46 -19.69 5.90
N PRO D 238 -1.08 -19.60 4.62
CA PRO D 238 0.31 -19.43 4.21
C PRO D 238 0.78 -17.98 4.44
N TRP D 239 2.00 -17.81 4.96
CA TRP D 239 2.62 -16.47 5.05
C TRP D 239 2.77 -15.92 3.64
N THR D 240 2.49 -14.65 3.46
CA THR D 240 2.43 -13.97 2.15
C THR D 240 3.20 -12.65 2.26
N PHE D 241 3.90 -12.34 1.18
CA PHE D 241 4.79 -11.18 0.99
C PHE D 241 4.18 -10.25 -0.04
N GLY D 242 4.38 -8.94 0.15
CA GLY D 242 4.25 -7.96 -0.94
C GLY D 242 5.29 -8.25 -2.02
N GLN D 243 5.13 -7.71 -3.23
CA GLN D 243 6.02 -7.98 -4.39
C GLN D 243 7.35 -7.23 -4.25
N GLY D 244 7.47 -6.37 -3.24
CA GLY D 244 8.70 -5.61 -2.95
C GLY D 244 8.69 -4.19 -3.48
N THR D 245 9.51 -3.35 -2.88
CA THR D 245 9.87 -1.98 -3.36
C THR D 245 11.39 -1.96 -3.55
N LYS D 246 11.86 -1.78 -4.78
CA LYS D 246 13.31 -1.56 -5.03
C LYS D 246 13.62 -0.08 -4.83
N LEU D 247 14.33 0.24 -3.75
CA LEU D 247 14.74 1.60 -3.38
C LEU D 247 16.19 1.76 -3.84
N GLU D 248 16.39 2.58 -4.87
CA GLU D 248 17.72 2.80 -5.49
C GLU D 248 18.05 4.30 -5.49
N ILE D 249 19.32 4.63 -5.70
CA ILE D 249 19.85 6.03 -5.77
C ILE D 249 19.30 6.67 -7.06
N LYS D 250 18.83 7.91 -6.96
CA LYS D 250 18.39 8.72 -8.14
C LYS D 250 19.62 8.89 -9.06
N ARG D 251 19.45 8.60 -10.36
CA ARG D 251 20.40 8.88 -11.46
C ARG D 251 20.52 10.39 -11.72
N GLN E 1 1.97 30.87 13.54
CA GLN E 1 1.01 29.72 13.43
C GLN E 1 -0.12 29.93 14.46
N VAL E 2 -0.77 28.85 14.90
CA VAL E 2 -1.98 28.90 15.78
C VAL E 2 -1.55 29.35 17.18
N GLN E 3 -2.30 30.26 17.78
CA GLN E 3 -2.06 30.80 19.15
C GLN E 3 -3.39 30.76 19.92
N LEU E 4 -3.41 30.14 21.09
CA LEU E 4 -4.55 30.22 22.04
C LEU E 4 -4.11 31.11 23.21
N VAL E 5 -4.82 32.20 23.44
CA VAL E 5 -4.49 33.18 24.53
C VAL E 5 -5.70 33.25 25.46
N GLN E 6 -5.48 32.89 26.71
CA GLN E 6 -6.54 32.81 27.75
C GLN E 6 -6.50 34.06 28.62
N SER E 7 -7.65 34.40 29.23
CA SER E 7 -7.78 35.50 30.21
C SER E 7 -6.86 35.23 31.41
N GLY E 8 -6.51 36.29 32.15
CA GLY E 8 -5.59 36.29 33.30
C GLY E 8 -6.09 35.53 34.51
N ALA E 9 -5.15 35.21 35.41
CA ALA E 9 -5.38 34.66 36.76
C ALA E 9 -6.48 35.45 37.46
N GLU E 10 -7.28 34.75 38.25
CA GLU E 10 -8.41 35.32 39.00
C GLU E 10 -8.42 34.73 40.41
N VAL E 11 -8.87 35.54 41.36
CA VAL E 11 -9.14 35.15 42.76
C VAL E 11 -10.65 35.30 42.96
N LYS E 12 -11.31 34.23 43.41
CA LYS E 12 -12.78 34.12 43.44
C LYS E 12 -13.19 33.67 44.85
N LYS E 13 -14.33 34.14 45.32
CA LYS E 13 -14.90 33.74 46.63
C LYS E 13 -15.63 32.42 46.44
N PRO E 14 -15.66 31.56 47.47
CA PRO E 14 -16.51 30.38 47.46
C PRO E 14 -17.93 30.76 47.06
N GLY E 15 -18.58 29.92 46.23
CA GLY E 15 -19.97 30.10 45.74
C GLY E 15 -20.07 30.99 44.53
N SER E 16 -18.99 31.65 44.11
CA SER E 16 -18.99 32.53 42.92
C SER E 16 -18.91 31.67 41.66
N SER E 17 -19.08 32.30 40.50
CA SER E 17 -18.86 31.68 39.18
C SER E 17 -17.67 32.38 38.53
N VAL E 18 -16.84 31.64 37.82
CA VAL E 18 -15.73 32.23 37.01
C VAL E 18 -16.00 31.89 35.54
N LYS E 19 -15.75 32.85 34.65
CA LYS E 19 -15.92 32.69 33.17
C LYS E 19 -14.56 32.99 32.55
N VAL E 20 -13.89 31.97 32.07
CA VAL E 20 -12.52 32.04 31.48
C VAL E 20 -12.67 32.16 29.97
N SER E 21 -11.91 33.06 29.34
CA SER E 21 -11.93 33.27 27.86
C SER E 21 -10.67 32.66 27.23
N CYS E 22 -10.82 32.23 25.98
CA CYS E 22 -9.78 31.56 25.16
C CYS E 22 -9.87 32.11 23.74
N LYS E 23 -9.03 33.09 23.39
CA LYS E 23 -8.97 33.70 22.04
C LYS E 23 -8.12 32.81 21.14
N VAL E 24 -8.69 32.39 20.01
CA VAL E 24 -7.99 31.53 19.01
C VAL E 24 -7.64 32.39 17.79
N SER E 25 -6.38 32.39 17.39
CA SER E 25 -5.89 33.12 16.17
C SER E 25 -5.02 32.17 15.33
N GLY E 26 -5.02 32.35 14.00
CA GLY E 26 -4.08 31.66 13.10
C GLY E 26 -4.66 30.35 12.59
N GLY E 27 -5.92 30.03 12.91
CA GLY E 27 -6.52 28.77 12.43
C GLY E 27 -7.90 28.95 11.80
N THR E 28 -8.70 27.89 11.87
CA THR E 28 -10.16 27.87 11.59
C THR E 28 -10.87 27.61 12.92
N PHE E 29 -11.84 28.46 13.25
CA PHE E 29 -12.51 28.46 14.57
C PHE E 29 -13.75 27.57 14.55
N ASN E 30 -14.59 27.70 13.52
CA ASN E 30 -16.02 27.28 13.61
C ASN E 30 -16.18 25.77 13.64
N THR E 31 -15.25 25.00 13.09
CA THR E 31 -15.45 23.57 12.74
C THR E 31 -14.47 22.64 13.47
N TYR E 32 -13.64 23.20 14.38
CA TYR E 32 -12.66 22.45 15.20
C TYR E 32 -13.04 22.57 16.69
N ALA E 33 -12.99 21.45 17.40
CA ALA E 33 -13.37 21.38 18.83
C ALA E 33 -12.39 22.22 19.66
N ILE E 34 -12.92 23.09 20.51
CA ILE E 34 -12.18 23.76 21.62
C ILE E 34 -12.51 22.99 22.90
N ILE E 35 -11.46 22.56 23.59
CA ILE E 35 -11.47 21.55 24.67
C ILE E 35 -11.03 22.26 25.96
N TRP E 36 -11.66 21.93 27.09
CA TRP E 36 -11.29 22.49 28.42
C TRP E 36 -10.81 21.39 29.35
N VAL E 37 -9.63 21.61 29.94
CA VAL E 37 -8.89 20.63 30.80
C VAL E 37 -8.35 21.42 32.00
N ARG E 38 -8.58 20.93 33.21
CA ARG E 38 -8.06 21.59 34.43
C ARG E 38 -7.06 20.69 35.17
N GLN E 39 -6.32 21.31 36.07
CA GLN E 39 -5.25 20.66 36.87
C GLN E 39 -5.17 21.36 38.21
N ALA E 40 -5.65 20.71 39.27
CA ALA E 40 -5.53 21.20 40.66
C ALA E 40 -4.06 21.08 41.04
N PRO E 41 -3.54 21.92 41.95
CA PRO E 41 -2.10 21.96 42.24
C PRO E 41 -1.62 20.59 42.68
N GLY E 42 -0.54 20.11 42.04
CA GLY E 42 0.10 18.82 42.32
C GLY E 42 -0.71 17.63 41.83
N GLN E 43 -1.85 17.84 41.17
CA GLN E 43 -2.76 16.73 40.74
C GLN E 43 -2.64 16.52 39.23
N GLY E 44 -3.43 15.58 38.71
CA GLY E 44 -3.48 15.23 37.28
C GLY E 44 -4.32 16.17 36.42
N LEU E 45 -4.50 15.77 35.16
CA LEU E 45 -5.30 16.50 34.14
C LEU E 45 -6.70 15.90 34.13
N GLU E 46 -7.69 16.78 34.01
CA GLU E 46 -9.12 16.41 34.08
C GLU E 46 -9.84 17.12 32.93
N TRP E 47 -10.43 16.34 32.04
CA TRP E 47 -11.22 16.84 30.89
C TRP E 47 -12.54 17.38 31.45
N MET E 48 -12.92 18.58 31.04
CA MET E 48 -14.17 19.22 31.56
C MET E 48 -15.26 19.22 30.49
N GLY E 49 -14.86 19.33 29.21
CA GLY E 49 -15.82 19.37 28.08
C GLY E 49 -15.22 19.98 26.84
N ALA E 50 -16.06 20.18 25.83
CA ALA E 50 -15.62 20.62 24.49
C ALA E 50 -16.81 21.24 23.76
N ILE E 51 -16.52 22.13 22.81
CA ILE E 51 -17.50 22.72 21.88
C ILE E 51 -16.86 22.79 20.50
N ILE E 52 -17.60 22.36 19.49
CA ILE E 52 -17.39 22.73 18.06
C ILE E 52 -18.27 23.95 17.83
N PRO E 53 -17.66 25.15 17.70
CA PRO E 53 -18.41 26.41 17.75
C PRO E 53 -19.66 26.54 16.86
N PHE E 54 -19.68 25.99 15.64
CA PHE E 54 -20.88 26.11 14.76
C PHE E 54 -22.11 25.45 15.40
N GLN E 55 -21.91 24.52 16.33
CA GLN E 55 -23.00 23.70 16.92
C GLN E 55 -23.75 24.49 18.02
N ASP E 56 -23.13 25.51 18.62
CA ASP E 56 -23.78 26.33 19.68
C ASP E 56 -24.32 25.45 20.83
N ARG E 57 -23.65 24.35 21.15
CA ARG E 57 -23.88 23.49 22.35
C ARG E 57 -22.57 22.74 22.68
N GLY E 58 -22.07 22.90 23.91
CA GLY E 58 -20.90 22.13 24.41
C GLY E 58 -21.30 20.74 24.88
N GLN E 59 -20.31 19.88 25.11
CA GLN E 59 -20.47 18.56 25.77
C GLN E 59 -19.58 18.56 27.03
N TYR E 60 -20.04 17.94 28.11
CA TYR E 60 -19.49 18.12 29.48
C TYR E 60 -19.23 16.76 30.14
N ALA E 61 -18.21 16.70 30.99
CA ALA E 61 -18.02 15.56 31.92
C ALA E 61 -19.16 15.59 32.94
N GLN E 62 -19.82 14.45 33.15
CA GLN E 62 -20.94 14.29 34.11
C GLN E 62 -20.46 14.66 35.52
N LYS E 63 -19.20 14.40 35.87
CA LYS E 63 -18.59 14.78 37.17
C LYS E 63 -18.93 16.23 37.57
N PHE E 64 -18.99 17.15 36.61
CA PHE E 64 -19.18 18.59 36.90
C PHE E 64 -20.67 18.94 37.06
N GLN E 65 -21.56 17.94 36.90
CA GLN E 65 -23.00 17.99 37.27
C GLN E 65 -23.59 19.33 36.86
N GLY E 66 -23.34 19.74 35.63
CA GLY E 66 -23.90 20.96 35.02
C GLY E 66 -23.30 22.27 35.55
N ARG E 67 -22.28 22.23 36.43
CA ARG E 67 -21.62 23.46 36.96
C ARG E 67 -20.84 24.14 35.82
N VAL E 68 -20.64 23.45 34.69
CA VAL E 68 -19.75 23.92 33.59
C VAL E 68 -20.63 24.31 32.41
N THR E 69 -20.39 25.49 31.85
CA THR E 69 -21.05 25.95 30.60
C THR E 69 -19.93 26.35 29.64
N ILE E 70 -19.90 25.76 28.45
CA ILE E 70 -18.87 26.08 27.43
C ILE E 70 -19.59 26.70 26.24
N THR E 71 -19.14 27.88 25.82
CA THR E 71 -19.77 28.65 24.74
C THR E 71 -18.65 29.12 23.81
N ALA E 72 -19.02 29.67 22.67
CA ALA E 72 -18.07 30.23 21.69
C ALA E 72 -18.75 31.38 20.97
N ASP E 73 -18.01 32.48 20.81
CA ASP E 73 -18.39 33.64 19.98
C ASP E 73 -17.64 33.48 18.66
N LYS E 74 -18.31 32.99 17.63
CA LYS E 74 -17.74 32.81 16.27
C LYS E 74 -17.27 34.15 15.72
N SER E 75 -17.96 35.25 16.05
CA SER E 75 -17.62 36.60 15.50
C SER E 75 -16.28 37.08 16.05
N THR E 76 -15.80 36.60 17.20
CA THR E 76 -14.50 37.03 17.80
C THR E 76 -13.51 35.88 17.91
N SER E 77 -13.85 34.68 17.40
CA SER E 77 -13.01 33.45 17.55
C SER E 77 -12.61 33.25 19.03
N THR E 78 -13.55 33.46 19.95
CA THR E 78 -13.31 33.31 21.42
C THR E 78 -14.22 32.22 21.98
N ALA E 79 -13.62 31.26 22.69
CA ALA E 79 -14.36 30.25 23.48
C ALA E 79 -14.35 30.64 24.95
N TYR E 80 -15.35 30.16 25.68
CA TYR E 80 -15.57 30.48 27.11
C TYR E 80 -15.91 29.20 27.87
N MET E 81 -15.37 29.14 29.08
CA MET E 81 -15.73 28.13 30.08
C MET E 81 -16.16 28.88 31.34
N GLU E 82 -17.38 28.60 31.81
CA GLU E 82 -17.92 29.14 33.08
C GLU E 82 -18.10 27.97 34.04
N LEU E 83 -17.51 28.08 35.23
CA LEU E 83 -17.67 27.10 36.35
C LEU E 83 -18.37 27.83 37.49
N SER E 84 -19.51 27.30 37.93
CA SER E 84 -20.36 27.89 38.98
C SER E 84 -20.12 27.16 40.30
N SER E 85 -20.68 27.68 41.39
CA SER E 85 -20.66 27.10 42.77
C SER E 85 -19.22 26.76 43.16
N LEU E 86 -18.29 27.68 42.95
CA LEU E 86 -16.85 27.44 43.18
C LEU E 86 -16.63 27.07 44.63
N ARG E 87 -15.69 26.16 44.88
CA ARG E 87 -15.21 25.74 46.22
C ARG E 87 -13.69 25.63 46.17
N SER E 88 -13.03 25.47 47.32
CA SER E 88 -11.55 25.43 47.42
C SER E 88 -10.99 24.33 46.50
N GLU E 89 -11.66 23.19 46.34
CA GLU E 89 -11.21 22.07 45.47
C GLU E 89 -11.18 22.48 43.97
N ASP E 90 -11.82 23.60 43.59
CA ASP E 90 -11.82 24.12 42.19
C ASP E 90 -10.60 25.01 41.94
N THR E 91 -9.78 25.30 42.95
CA THR E 91 -8.47 25.98 42.75
C THR E 91 -7.64 25.14 41.77
N ALA E 92 -7.31 25.66 40.60
CA ALA E 92 -6.67 24.90 39.53
C ALA E 92 -6.22 25.84 38.41
N VAL E 93 -5.34 25.33 37.53
CA VAL E 93 -5.08 25.94 36.23
C VAL E 93 -6.07 25.32 35.24
N TYR E 94 -6.85 26.17 34.59
CA TYR E 94 -7.86 25.82 33.55
C TYR E 94 -7.20 26.09 32.21
N TYR E 95 -7.07 25.03 31.41
CA TYR E 95 -6.51 25.07 30.04
C TYR E 95 -7.64 24.99 29.02
N CYS E 96 -7.53 25.81 27.98
CA CYS E 96 -8.22 25.58 26.70
C CYS E 96 -7.19 24.97 25.74
N ALA E 97 -7.69 24.14 24.82
CA ALA E 97 -6.88 23.47 23.80
C ALA E 97 -7.79 23.24 22.57
N LYS E 98 -7.18 23.03 21.41
CA LYS E 98 -7.95 22.78 20.18
C LYS E 98 -7.37 21.55 19.48
N GLU E 99 -8.24 20.88 18.72
CA GLU E 99 -7.82 19.86 17.73
C GLU E 99 -7.72 20.54 16.36
N SER E 100 -6.84 20.01 15.53
CA SER E 100 -6.38 20.61 14.25
C SER E 100 -6.53 19.59 13.13
N GLY E 101 -7.55 18.72 13.23
CA GLY E 101 -7.88 17.71 12.21
C GLY E 101 -7.15 16.39 12.39
N ARG E 102 -6.43 16.19 13.49
CA ARG E 102 -5.76 14.92 13.82
C ARG E 102 -6.41 14.31 15.08
N ALA E 103 -7.64 14.75 15.42
CA ALA E 103 -8.48 14.30 16.55
C ALA E 103 -7.94 14.73 17.92
N VAL E 104 -6.63 14.77 18.11
CA VAL E 104 -6.00 15.08 19.44
C VAL E 104 -5.98 16.58 19.66
N ALA E 105 -5.95 16.99 20.94
CA ALA E 105 -5.69 18.38 21.40
C ALA E 105 -4.20 18.67 21.19
N ASP E 106 -3.88 19.46 20.14
CA ASP E 106 -2.46 19.63 19.75
C ASP E 106 -2.03 21.11 19.83
N ARG E 107 -2.94 22.02 20.20
CA ARG E 107 -2.61 23.43 20.46
C ARG E 107 -3.24 23.85 21.79
N TRP E 108 -2.44 24.48 22.65
CA TRP E 108 -2.78 24.70 24.08
C TRP E 108 -2.64 26.18 24.43
N GLY E 109 -3.59 26.71 25.21
CA GLY E 109 -3.43 28.00 25.91
C GLY E 109 -2.34 27.90 26.97
N GLN E 110 -2.00 29.06 27.56
CA GLN E 110 -1.00 29.19 28.65
C GLN E 110 -1.62 28.70 29.97
N GLY E 111 -2.94 28.54 30.03
CA GLY E 111 -3.69 28.23 31.26
C GLY E 111 -4.13 29.49 32.00
N THR E 112 -5.21 29.37 32.75
CA THR E 112 -5.79 30.42 33.62
C THR E 112 -5.81 29.87 35.03
N LEU E 113 -5.00 30.45 35.92
CA LEU E 113 -5.04 30.14 37.37
C LEU E 113 -6.30 30.75 37.97
N VAL E 114 -7.12 29.91 38.60
CA VAL E 114 -8.29 30.36 39.39
C VAL E 114 -8.03 29.91 40.82
N THR E 115 -7.84 30.87 41.72
CA THR E 115 -7.70 30.57 43.17
C THR E 115 -9.02 30.89 43.85
N VAL E 116 -9.66 29.89 44.46
CA VAL E 116 -10.89 30.05 45.29
C VAL E 116 -10.45 30.28 46.74
N SER E 117 -10.72 31.47 47.28
CA SER E 117 -10.21 31.98 48.58
C SER E 117 -11.32 32.77 49.29
N SER E 118 -11.61 32.44 50.55
CA SER E 118 -12.55 33.19 51.43
C SER E 118 -12.05 34.64 51.58
N GLY E 119 -12.99 35.60 51.50
CA GLY E 119 -12.69 37.03 51.35
C GLY E 119 -11.88 37.30 50.09
N GLY E 141 -17.53 7.09 35.81
CA GLY E 141 -18.95 6.94 35.41
C GLY E 141 -19.31 5.49 35.11
N GLY E 142 -20.20 5.27 34.14
CA GLY E 142 -20.67 3.93 33.73
C GLY E 142 -19.70 3.29 32.74
N SER E 143 -19.89 3.58 31.45
CA SER E 143 -19.03 3.14 30.32
C SER E 143 -17.80 4.05 30.17
N ASP E 144 -17.43 4.83 31.20
CA ASP E 144 -16.24 5.73 31.16
C ASP E 144 -14.96 4.87 31.10
N ILE E 145 -13.99 5.26 30.30
CA ILE E 145 -12.74 4.48 30.17
C ILE E 145 -11.79 4.95 31.27
N VAL E 146 -11.31 4.01 32.09
CA VAL E 146 -10.29 4.29 33.15
C VAL E 146 -8.92 4.02 32.53
N MET E 147 -8.03 5.02 32.57
CA MET E 147 -6.62 4.88 32.16
C MET E 147 -5.75 4.72 33.41
N THR E 148 -5.02 3.61 33.48
CA THR E 148 -4.13 3.25 34.62
C THR E 148 -2.69 3.32 34.13
N GLN E 149 -1.96 4.28 34.70
CA GLN E 149 -0.57 4.61 34.32
C GLN E 149 0.35 4.07 35.41
N SER E 150 1.50 3.52 35.02
CA SER E 150 2.53 3.04 35.98
C SER E 150 3.89 3.15 35.31
N PRO E 151 4.99 3.31 36.09
CA PRO E 151 4.89 3.49 37.54
C PRO E 151 4.46 4.94 37.85
N ALA E 152 3.98 5.20 39.07
CA ALA E 152 3.65 6.57 39.56
C ALA E 152 4.88 7.48 39.46
N SER E 153 6.06 6.97 39.83
CA SER E 153 7.32 7.74 39.80
C SER E 153 8.47 6.89 39.26
N LEU E 154 9.40 7.58 38.61
CA LEU E 154 10.67 7.03 38.06
C LEU E 154 11.76 8.04 38.40
N ALA E 155 12.78 7.62 39.14
CA ALA E 155 14.04 8.38 39.34
C ALA E 155 15.15 7.64 38.59
N LEU E 156 15.72 8.28 37.58
CA LEU E 156 16.65 7.68 36.60
C LEU E 156 17.78 8.69 36.37
N SER E 157 18.88 8.23 35.81
CA SER E 157 20.08 9.04 35.48
C SER E 157 20.14 9.28 33.98
N LEU E 158 20.82 10.34 33.58
CA LEU E 158 21.16 10.64 32.16
C LEU E 158 21.66 9.36 31.47
N GLY E 159 21.20 9.13 30.25
CA GLY E 159 21.61 7.99 29.42
C GLY E 159 20.83 6.72 29.67
N GLU E 160 19.99 6.64 30.71
CA GLU E 160 19.21 5.41 31.02
C GLU E 160 17.93 5.40 30.17
N ARG E 161 17.29 4.23 30.10
CA ARG E 161 16.04 3.99 29.33
C ARG E 161 14.85 4.13 30.28
N ALA E 162 13.84 4.89 29.89
CA ALA E 162 12.60 5.08 30.68
C ALA E 162 11.44 4.48 29.90
N THR E 163 10.66 3.62 30.56
CA THR E 163 9.45 3.01 29.97
C THR E 163 8.26 3.44 30.85
N LEU E 164 7.18 3.88 30.20
CA LEU E 164 5.91 4.30 30.86
C LEU E 164 4.80 3.40 30.31
N TYR E 165 3.93 2.92 31.19
CA TYR E 165 2.85 1.97 30.87
C TYR E 165 1.51 2.69 31.08
N CYS E 166 0.56 2.37 30.23
CA CYS E 166 -0.80 2.93 30.26
C CYS E 166 -1.76 1.81 29.82
N ARG E 167 -2.66 1.38 30.71
CA ARG E 167 -3.72 0.39 30.41
C ARG E 167 -5.06 1.12 30.35
N ALA E 168 -5.89 0.78 29.35
CA ALA E 168 -7.28 1.25 29.20
C ALA E 168 -8.22 0.16 29.71
N SER E 169 -9.34 0.53 30.37
CA SER E 169 -10.29 -0.44 30.95
C SER E 169 -11.12 -1.13 29.85
N HIS E 170 -11.29 -0.51 28.68
CA HIS E 170 -11.93 -1.07 27.46
C HIS E 170 -11.06 -0.68 26.25
N SER E 171 -11.14 -1.43 25.17
CA SER E 171 -10.38 -1.21 23.92
C SER E 171 -10.56 0.25 23.48
N ILE E 172 -9.47 0.91 23.12
CA ILE E 172 -9.49 2.30 22.57
C ILE E 172 -8.81 2.29 21.20
N SER E 173 -8.71 1.11 20.58
CA SER E 173 -7.97 0.91 19.31
C SER E 173 -6.59 1.55 19.46
N SER E 174 -6.26 2.55 18.64
CA SER E 174 -4.95 3.25 18.72
C SER E 174 -5.15 4.73 19.09
N TRP E 175 -6.33 5.09 19.61
CA TRP E 175 -6.70 6.49 19.95
C TRP E 175 -6.12 6.84 21.31
N LEU E 176 -4.80 6.79 21.41
CA LEU E 176 -4.09 7.15 22.65
C LEU E 176 -2.99 8.17 22.38
N ALA E 177 -2.90 9.17 23.23
CA ALA E 177 -1.91 10.27 23.14
C ALA E 177 -1.06 10.30 24.41
N TRP E 178 0.19 10.71 24.25
CA TRP E 178 1.14 10.91 25.36
C TRP E 178 1.51 12.39 25.40
N TYR E 179 1.39 13.00 26.58
CA TYR E 179 1.77 14.41 26.87
C TYR E 179 2.96 14.44 27.84
N GLN E 180 3.84 15.41 27.63
CA GLN E 180 4.91 15.81 28.57
C GLN E 180 4.50 17.14 29.22
N GLN E 181 4.67 17.27 30.54
CA GLN E 181 4.35 18.55 31.22
C GLN E 181 5.50 18.90 32.16
N LYS E 182 6.05 20.11 31.97
CA LYS E 182 7.01 20.77 32.86
C LYS E 182 6.24 21.56 33.90
N PRO E 183 6.86 21.83 35.08
CA PRO E 183 6.23 22.64 36.13
C PRO E 183 5.75 24.00 35.61
N GLY E 184 4.48 24.33 35.84
CA GLY E 184 3.86 25.63 35.52
C GLY E 184 3.70 25.85 34.02
N LYS E 185 3.58 24.78 33.23
CA LYS E 185 3.50 24.87 31.76
C LYS E 185 2.38 23.97 31.25
N ALA E 186 1.81 24.32 30.12
CA ALA E 186 0.77 23.51 29.45
C ALA E 186 1.36 22.16 29.05
N PRO E 187 0.54 21.09 29.07
CA PRO E 187 0.93 19.82 28.48
C PRO E 187 1.39 20.02 27.03
N LYS E 188 2.43 19.30 26.65
CA LYS E 188 3.01 19.28 25.29
C LYS E 188 2.75 17.90 24.67
N LEU E 189 2.08 17.84 23.52
CA LEU E 189 1.82 16.56 22.80
C LEU E 189 3.14 15.95 22.31
N LEU E 190 3.45 14.70 22.66
CA LEU E 190 4.65 14.00 22.15
C LEU E 190 4.24 12.93 21.12
N ILE E 191 3.20 12.16 21.43
CA ILE E 191 2.78 11.01 20.59
C ILE E 191 1.26 10.99 20.47
N TYR E 192 0.74 10.69 19.27
CA TYR E 192 -0.71 10.49 19.04
C TYR E 192 -0.93 9.24 18.18
N LYS E 193 -2.16 8.74 18.15
CA LYS E 193 -2.49 7.43 17.50
C LYS E 193 -1.47 6.38 17.98
N ALA E 194 -1.14 6.38 19.28
CA ALA E 194 -0.35 5.38 20.03
C ALA E 194 1.15 5.45 19.67
N SER E 195 1.52 5.71 18.41
CA SER E 195 2.93 5.55 17.94
C SER E 195 3.39 6.69 17.01
N THR E 196 2.54 7.67 16.65
CA THR E 196 2.96 8.76 15.72
C THR E 196 3.58 9.91 16.53
N LEU E 197 4.85 10.24 16.27
CA LEU E 197 5.57 11.38 16.91
C LEU E 197 4.99 12.69 16.39
N GLU E 198 4.72 13.64 17.28
CA GLU E 198 4.37 15.03 16.91
C GLU E 198 5.59 15.65 16.23
N SER E 199 5.36 16.58 15.33
CA SER E 199 6.41 17.39 14.67
C SER E 199 7.39 17.92 15.74
N GLY E 200 8.69 17.81 15.48
CA GLY E 200 9.77 18.32 16.35
C GLY E 200 10.12 17.37 17.48
N VAL E 201 9.39 16.29 17.70
CA VAL E 201 9.70 15.39 18.86
C VAL E 201 10.89 14.50 18.46
N PRO E 202 11.99 14.48 19.24
CA PRO E 202 13.19 13.71 18.86
C PRO E 202 12.97 12.19 18.87
N SER E 203 13.81 11.49 18.10
CA SER E 203 13.64 10.06 17.71
C SER E 203 13.83 9.11 18.90
N ARG E 204 14.42 9.58 20.01
CA ARG E 204 14.60 8.75 21.23
C ARG E 204 13.25 8.49 21.90
N PHE E 205 12.20 9.22 21.53
CA PHE E 205 10.80 8.93 21.95
C PHE E 205 10.18 7.92 20.97
N SER E 206 9.51 6.89 21.49
CA SER E 206 8.66 5.98 20.69
C SER E 206 7.50 5.49 21.54
N GLY E 207 6.37 5.22 20.89
CA GLY E 207 5.17 4.69 21.53
C GLY E 207 4.77 3.41 20.84
N SER E 208 4.06 2.55 21.56
CA SER E 208 3.64 1.22 21.08
C SER E 208 2.31 0.87 21.73
N GLY E 209 1.55 0.02 21.06
CA GLY E 209 0.39 -0.68 21.63
C GLY E 209 -0.85 -0.34 20.84
N SER E 210 -1.90 -1.09 21.13
CA SER E 210 -3.23 -1.08 20.47
C SER E 210 -4.19 -1.81 21.42
N GLY E 211 -5.49 -1.54 21.35
CA GLY E 211 -6.47 -2.16 22.24
C GLY E 211 -6.43 -1.55 23.63
N THR E 212 -5.75 -2.19 24.58
CA THR E 212 -5.82 -1.84 26.03
C THR E 212 -4.43 -1.60 26.64
N GLU E 213 -3.34 -1.97 25.98
CA GLU E 213 -1.99 -1.87 26.61
C GLU E 213 -1.09 -1.00 25.73
N PHE E 214 -0.53 0.04 26.33
CA PHE E 214 0.27 1.07 25.64
C PHE E 214 1.56 1.33 26.44
N THR E 215 2.62 1.69 25.72
CA THR E 215 3.93 2.05 26.32
C THR E 215 4.49 3.26 25.60
N LEU E 216 5.15 4.14 26.34
CA LEU E 216 6.05 5.18 25.80
C LEU E 216 7.45 4.84 26.30
N THR E 217 8.43 4.95 25.42
CA THR E 217 9.85 4.61 25.69
C THR E 217 10.72 5.82 25.35
N ILE E 218 11.59 6.21 26.27
CA ILE E 218 12.71 7.16 26.00
C ILE E 218 14.00 6.32 26.01
N SER E 219 14.64 6.16 24.86
CA SER E 219 15.76 5.21 24.68
C SER E 219 16.91 5.59 25.61
N SER E 220 17.18 6.89 25.74
CA SER E 220 18.38 7.43 26.44
C SER E 220 18.10 8.85 26.93
N LEU E 221 17.93 9.02 28.25
CA LEU E 221 17.39 10.26 28.86
C LEU E 221 18.36 11.42 28.71
N GLN E 222 17.87 12.58 28.26
CA GLN E 222 18.60 13.86 28.19
C GLN E 222 18.06 14.77 29.31
N PRO E 223 18.78 15.86 29.67
CA PRO E 223 18.31 16.77 30.72
C PRO E 223 16.88 17.30 30.50
N ASP E 224 16.47 17.51 29.24
CA ASP E 224 15.16 18.14 28.90
C ASP E 224 14.01 17.13 29.14
N ASP E 225 14.30 15.86 29.44
CA ASP E 225 13.29 14.78 29.43
C ASP E 225 12.64 14.64 30.81
N PHE E 226 13.19 15.27 31.85
CA PHE E 226 12.66 15.15 33.22
C PHE E 226 11.42 16.05 33.29
N ALA E 227 10.29 15.47 33.72
CA ALA E 227 8.93 16.03 33.57
C ALA E 227 7.91 15.04 34.11
N THR E 228 6.64 15.44 34.16
CA THR E 228 5.51 14.52 34.38
C THR E 228 4.93 14.16 33.01
N TYR E 229 4.65 12.89 32.79
CA TYR E 229 4.10 12.35 31.52
C TYR E 229 2.70 11.80 31.75
N TYR E 230 1.78 12.10 30.85
CA TYR E 230 0.38 11.60 30.94
C TYR E 230 0.00 10.86 29.65
N CYS E 231 -0.71 9.75 29.78
CA CYS E 231 -1.40 9.16 28.61
C CYS E 231 -2.84 9.66 28.64
N GLN E 232 -3.47 9.71 27.47
CA GLN E 232 -4.89 10.13 27.36
C GLN E 232 -5.53 9.35 26.23
N GLN E 233 -6.66 8.72 26.51
CA GLN E 233 -7.54 8.09 25.49
C GLN E 233 -8.41 9.20 24.89
N TYR E 234 -8.59 9.19 23.57
CA TYR E 234 -9.54 10.07 22.85
C TYR E 234 -10.41 9.20 21.93
N LYS E 235 -10.63 7.95 22.34
CA LYS E 235 -11.67 7.06 21.74
C LYS E 235 -13.05 7.71 21.92
N SER E 236 -13.43 8.10 23.13
CA SER E 236 -14.81 8.55 23.42
C SER E 236 -14.82 9.54 24.60
N TYR E 237 -15.81 10.44 24.62
CA TYR E 237 -16.05 11.39 25.73
C TYR E 237 -16.65 10.56 26.87
N PRO E 238 -16.30 10.82 28.14
CA PRO E 238 -15.36 11.86 28.52
C PRO E 238 -13.92 11.40 28.27
N TRP E 239 -13.08 12.28 27.72
CA TRP E 239 -11.62 11.98 27.60
C TRP E 239 -11.08 11.77 29.01
N THR E 240 -10.20 10.79 29.16
CA THR E 240 -9.67 10.38 30.47
C THR E 240 -8.16 10.23 30.31
N PHE E 241 -7.46 10.66 31.37
CA PHE E 241 -6.00 10.67 31.53
C PHE E 241 -5.60 9.62 32.56
N GLY E 242 -4.43 9.00 32.38
CA GLY E 242 -3.74 8.30 33.46
C GLY E 242 -3.35 9.31 34.53
N GLN E 243 -2.99 8.84 35.74
CA GLN E 243 -2.65 9.71 36.90
C GLN E 243 -1.27 10.34 36.73
N GLY E 244 -0.51 9.92 35.73
CA GLY E 244 0.81 10.49 35.39
C GLY E 244 1.99 9.69 35.94
N THR E 245 3.14 9.87 35.33
CA THR E 245 4.46 9.37 35.80
C THR E 245 5.37 10.59 35.97
N LYS E 246 5.80 10.88 37.20
CA LYS E 246 6.84 11.91 37.43
C LYS E 246 8.21 11.27 37.19
N LEU E 247 8.88 11.69 36.13
CA LEU E 247 10.23 11.21 35.75
C LEU E 247 11.19 12.28 36.22
N GLU E 248 11.97 11.99 37.25
CA GLU E 248 12.95 12.94 37.84
C GLU E 248 14.35 12.33 37.86
N ILE E 249 15.37 13.17 38.05
CA ILE E 249 16.81 12.78 38.11
C ILE E 249 17.04 11.98 39.40
N LYS E 250 17.73 10.84 39.30
CA LYS E 250 18.17 10.05 40.48
C LYS E 250 19.11 10.93 41.29
N ARG E 251 18.88 11.09 42.60
CA ARG E 251 19.81 11.81 43.51
C ARG E 251 20.89 10.84 43.96
N GLN F 1 -12.34 -6.24 -38.84
CA GLN F 1 -12.49 -5.75 -40.25
C GLN F 1 -11.14 -5.81 -40.97
N VAL F 2 -10.04 -5.42 -40.30
CA VAL F 2 -8.65 -5.65 -40.78
C VAL F 2 -8.34 -7.15 -40.70
N GLN F 3 -7.70 -7.72 -41.72
CA GLN F 3 -7.41 -9.18 -41.83
C GLN F 3 -5.96 -9.36 -42.31
N LEU F 4 -5.17 -10.20 -41.63
CA LEU F 4 -3.86 -10.65 -42.15
C LEU F 4 -4.00 -12.11 -42.60
N VAL F 5 -3.72 -12.40 -43.87
CA VAL F 5 -3.81 -13.76 -44.47
C VAL F 5 -2.42 -14.18 -44.94
N GLN F 6 -1.91 -15.26 -44.37
CA GLN F 6 -0.54 -15.75 -44.61
C GLN F 6 -0.59 -16.90 -45.62
N SER F 7 0.52 -17.13 -46.33
CA SER F 7 0.71 -18.30 -47.23
C SER F 7 0.58 -19.59 -46.43
N GLY F 8 0.29 -20.71 -47.10
CA GLY F 8 0.01 -22.01 -46.48
C GLY F 8 1.26 -22.70 -45.95
N ALA F 9 1.03 -23.79 -45.20
CA ALA F 9 2.07 -24.63 -44.58
C ALA F 9 3.08 -25.03 -45.67
N GLU F 10 4.33 -25.19 -45.27
CA GLU F 10 5.42 -25.66 -46.16
C GLU F 10 6.25 -26.72 -45.45
N VAL F 11 6.77 -27.64 -46.25
CA VAL F 11 7.74 -28.68 -45.83
C VAL F 11 9.03 -28.39 -46.60
N LYS F 12 10.14 -28.25 -45.87
CA LYS F 12 11.43 -27.72 -46.40
C LYS F 12 12.54 -28.68 -45.98
N LYS F 13 13.54 -28.85 -46.83
CA LYS F 13 14.75 -29.66 -46.52
C LYS F 13 15.70 -28.80 -45.70
N PRO F 14 16.48 -29.42 -44.79
CA PRO F 14 17.58 -28.73 -44.14
C PRO F 14 18.46 -28.00 -45.18
N GLY F 15 18.88 -26.77 -44.85
CA GLY F 15 19.73 -25.91 -45.70
C GLY F 15 18.95 -25.09 -46.71
N SER F 16 17.64 -25.33 -46.90
CA SER F 16 16.82 -24.58 -47.87
C SER F 16 16.44 -23.23 -47.25
N SER F 17 15.79 -22.37 -48.04
CA SER F 17 15.25 -21.06 -47.61
C SER F 17 13.73 -21.11 -47.79
N VAL F 18 12.98 -20.47 -46.91
CA VAL F 18 11.50 -20.37 -47.03
C VAL F 18 11.13 -18.89 -47.03
N LYS F 19 10.17 -18.50 -47.86
CA LYS F 19 9.66 -17.11 -47.94
C LYS F 19 8.16 -17.16 -47.65
N VAL F 20 7.75 -16.64 -46.48
CA VAL F 20 6.33 -16.63 -46.04
C VAL F 20 5.74 -15.26 -46.42
N SER F 21 4.51 -15.25 -46.96
CA SER F 21 3.78 -14.02 -47.32
C SER F 21 2.68 -13.72 -46.30
N CYS F 22 2.36 -12.43 -46.17
CA CYS F 22 1.39 -11.87 -45.21
C CYS F 22 0.61 -10.75 -45.91
N LYS F 23 -0.57 -11.08 -46.45
CA LYS F 23 -1.45 -10.11 -47.17
C LYS F 23 -2.26 -9.34 -46.12
N VAL F 24 -2.21 -8.02 -46.18
CA VAL F 24 -2.99 -7.11 -45.28
C VAL F 24 -4.16 -6.52 -46.06
N SER F 25 -5.38 -6.66 -45.55
CA SER F 25 -6.62 -6.13 -46.19
C SER F 25 -7.45 -5.40 -45.14
N GLY F 26 -8.11 -4.30 -45.56
CA GLY F 26 -9.01 -3.49 -44.72
C GLY F 26 -8.26 -2.47 -43.87
N GLY F 27 -6.93 -2.45 -43.90
CA GLY F 27 -6.11 -1.57 -43.05
C GLY F 27 -4.97 -0.93 -43.82
N THR F 28 -4.60 0.29 -43.42
CA THR F 28 -3.49 1.10 -43.98
C THR F 28 -2.18 0.32 -43.84
N PHE F 29 -1.47 0.16 -44.96
CA PHE F 29 -0.29 -0.72 -45.06
C PHE F 29 0.98 0.08 -44.85
N ASN F 30 1.12 1.24 -45.50
CA ASN F 30 2.47 1.80 -45.82
C ASN F 30 3.18 2.33 -44.57
N THR F 31 2.42 2.74 -43.56
CA THR F 31 2.92 3.61 -42.44
C THR F 31 2.79 2.91 -41.08
N TYR F 32 2.38 1.63 -41.06
CA TYR F 32 2.24 0.80 -39.85
C TYR F 32 3.22 -0.38 -39.89
N ALA F 33 3.90 -0.65 -38.77
CA ALA F 33 4.87 -1.75 -38.64
C ALA F 33 4.15 -3.09 -38.85
N ILE F 34 4.72 -3.94 -39.71
CA ILE F 34 4.45 -5.41 -39.78
C ILE F 34 5.54 -6.10 -38.99
N ILE F 35 5.18 -6.94 -38.02
CA ILE F 35 6.13 -7.68 -37.17
C ILE F 35 6.02 -9.17 -37.48
N TRP F 36 7.13 -9.89 -37.30
CA TRP F 36 7.21 -11.36 -37.44
C TRP F 36 7.60 -11.99 -36.10
N VAL F 37 6.83 -12.99 -35.68
CA VAL F 37 6.96 -13.75 -34.40
C VAL F 37 6.80 -15.24 -34.73
N ARG F 38 7.68 -16.11 -34.21
CA ARG F 38 7.52 -17.57 -34.39
C ARG F 38 7.29 -18.28 -33.05
N GLN F 39 6.81 -19.49 -33.13
CA GLN F 39 6.48 -20.37 -31.98
C GLN F 39 6.82 -21.81 -32.39
N ALA F 40 7.94 -22.31 -31.89
CA ALA F 40 8.40 -23.71 -32.06
C ALA F 40 7.42 -24.59 -31.27
N PRO F 41 7.17 -25.84 -31.70
CA PRO F 41 6.12 -26.66 -31.10
C PRO F 41 6.34 -26.81 -29.60
N GLY F 42 5.28 -26.53 -28.82
CA GLY F 42 5.29 -26.63 -27.35
C GLY F 42 6.06 -25.50 -26.69
N GLN F 43 6.61 -24.54 -27.44
CA GLN F 43 7.48 -23.46 -26.88
C GLN F 43 6.72 -22.13 -26.87
N GLY F 44 7.40 -21.07 -26.41
CA GLY F 44 6.87 -19.70 -26.34
C GLY F 44 6.98 -18.95 -27.66
N LEU F 45 6.63 -17.66 -27.61
CA LEU F 45 6.60 -16.72 -28.75
C LEU F 45 7.94 -15.99 -28.77
N GLU F 46 8.50 -15.80 -29.96
CA GLU F 46 9.83 -15.21 -30.18
C GLU F 46 9.77 -14.20 -31.34
N TRP F 47 10.03 -12.92 -31.04
CA TRP F 47 10.10 -11.79 -32.01
C TRP F 47 11.27 -12.01 -32.97
N MET F 48 11.02 -11.88 -34.26
CA MET F 48 12.07 -12.09 -35.30
C MET F 48 12.50 -10.76 -35.93
N GLY F 49 11.57 -9.83 -36.09
CA GLY F 49 11.83 -8.52 -36.72
C GLY F 49 10.58 -7.81 -37.18
N ALA F 50 10.74 -6.68 -37.88
CA ALA F 50 9.64 -5.77 -38.23
C ALA F 50 10.06 -4.89 -39.40
N ILE F 51 9.09 -4.37 -40.14
CA ILE F 51 9.26 -3.40 -41.25
C ILE F 51 8.08 -2.43 -41.20
N ILE F 52 8.36 -1.14 -41.35
CA ILE F 52 7.37 -0.08 -41.73
C ILE F 52 7.52 0.05 -43.24
N PRO F 53 6.55 -0.46 -44.04
CA PRO F 53 6.74 -0.64 -45.48
C PRO F 53 7.31 0.55 -46.29
N PHE F 54 6.94 1.80 -45.99
CA PHE F 54 7.47 2.98 -46.73
C PHE F 54 8.99 3.08 -46.60
N GLN F 55 9.59 2.48 -45.56
CA GLN F 55 11.04 2.63 -45.25
C GLN F 55 11.88 1.69 -46.12
N ASP F 56 11.32 0.62 -46.69
CA ASP F 56 12.05 -0.33 -47.57
C ASP F 56 13.33 -0.86 -46.86
N ARG F 57 13.28 -1.09 -45.53
CA ARG F 57 14.35 -1.76 -44.74
C ARG F 57 13.75 -2.35 -43.45
N GLY F 58 13.88 -3.66 -43.22
CA GLY F 58 13.43 -4.31 -41.98
C GLY F 58 14.44 -4.17 -40.84
N GLN F 59 14.02 -4.46 -39.61
CA GLN F 59 14.89 -4.60 -38.42
C GLN F 59 14.74 -6.03 -37.88
N TYR F 60 15.82 -6.63 -37.36
CA TYR F 60 15.92 -8.08 -37.06
C TYR F 60 16.43 -8.28 -35.64
N ALA F 61 15.99 -9.35 -34.98
CA ALA F 61 16.64 -9.88 -33.76
C ALA F 61 18.05 -10.38 -34.13
N GLN F 62 19.05 -9.98 -33.34
CA GLN F 62 20.49 -10.37 -33.52
C GLN F 62 20.61 -11.91 -33.59
N LYS F 63 19.82 -12.62 -32.79
CA LYS F 63 19.74 -14.11 -32.74
C LYS F 63 19.76 -14.72 -34.15
N PHE F 64 19.07 -14.12 -35.11
CA PHE F 64 18.85 -14.70 -36.46
C PHE F 64 20.04 -14.38 -37.38
N GLN F 65 21.02 -13.61 -36.90
CA GLN F 65 22.36 -13.41 -37.52
C GLN F 65 22.23 -13.28 -39.04
N GLY F 66 21.30 -12.44 -39.51
CA GLY F 66 21.13 -12.14 -40.95
C GLY F 66 20.46 -13.25 -41.76
N ARG F 67 20.04 -14.38 -41.14
CA ARG F 67 19.30 -15.47 -41.85
C ARG F 67 17.91 -14.98 -42.26
N VAL F 68 17.46 -13.85 -41.70
CA VAL F 68 16.06 -13.36 -41.87
C VAL F 68 16.12 -12.12 -42.76
N THR F 69 15.28 -12.08 -43.78
CA THR F 69 15.03 -10.86 -44.60
C THR F 69 13.54 -10.56 -44.54
N ILE F 70 13.17 -9.35 -44.15
CA ILE F 70 11.76 -8.91 -44.11
C ILE F 70 11.59 -7.79 -45.14
N THR F 71 10.61 -7.95 -46.03
CA THR F 71 10.36 -6.99 -47.14
C THR F 71 8.85 -6.73 -47.18
N ALA F 72 8.43 -5.76 -47.98
CA ALA F 72 7.02 -5.42 -48.18
C ALA F 72 6.82 -4.90 -49.61
N ASP F 73 5.78 -5.40 -50.27
CA ASP F 73 5.28 -4.91 -51.56
C ASP F 73 4.12 -3.95 -51.28
N LYS F 74 4.36 -2.64 -51.29
CA LYS F 74 3.30 -1.62 -51.05
C LYS F 74 2.21 -1.74 -52.12
N SER F 75 2.56 -2.14 -53.36
CA SER F 75 1.56 -2.22 -54.46
C SER F 75 0.53 -3.35 -54.20
N THR F 76 0.84 -4.36 -53.39
CA THR F 76 -0.09 -5.49 -53.12
C THR F 76 -0.44 -5.57 -51.62
N SER F 77 0.03 -4.63 -50.80
CA SER F 77 -0.16 -4.65 -49.33
C SER F 77 0.28 -6.02 -48.77
N THR F 78 1.41 -6.55 -49.24
CA THR F 78 1.94 -7.87 -48.79
C THR F 78 3.33 -7.70 -48.18
N ALA F 79 3.51 -8.24 -46.98
CA ALA F 79 4.81 -8.35 -46.30
C ALA F 79 5.35 -9.77 -46.44
N TYR F 80 6.67 -9.90 -46.37
CA TYR F 80 7.40 -11.18 -46.58
C TYR F 80 8.47 -11.35 -45.51
N MET F 81 8.61 -12.59 -45.08
CA MET F 81 9.71 -13.02 -44.20
C MET F 81 10.37 -14.20 -44.91
N GLU F 82 11.67 -14.07 -45.18
CA GLU F 82 12.50 -15.17 -45.72
C GLU F 82 13.50 -15.59 -44.64
N LEU F 83 13.53 -16.89 -44.33
CA LEU F 83 14.52 -17.52 -43.41
C LEU F 83 15.37 -18.48 -44.23
N SER F 84 16.69 -18.32 -44.19
CA SER F 84 17.67 -19.13 -44.96
C SER F 84 18.32 -20.13 -44.00
N SER F 85 19.09 -21.08 -44.56
CA SER F 85 19.91 -22.09 -43.83
C SER F 85 19.03 -22.83 -42.82
N LEU F 86 17.85 -23.27 -43.27
CA LEU F 86 16.85 -23.89 -42.38
C LEU F 86 17.45 -25.14 -41.73
N ARG F 87 17.10 -25.36 -40.46
CA ARG F 87 17.48 -26.56 -39.68
C ARG F 87 16.26 -27.04 -38.91
N SER F 88 16.32 -28.22 -38.29
CA SER F 88 15.17 -28.84 -37.57
C SER F 88 14.63 -27.87 -36.51
N GLU F 89 15.49 -27.11 -35.83
CA GLU F 89 15.12 -26.13 -34.77
C GLU F 89 14.27 -24.98 -35.32
N ASP F 90 14.22 -24.78 -36.65
CA ASP F 90 13.40 -23.73 -37.30
C ASP F 90 11.96 -24.22 -37.56
N THR F 91 11.66 -25.50 -37.32
CA THR F 91 10.25 -26.01 -37.34
C THR F 91 9.42 -25.19 -36.36
N ALA F 92 8.41 -24.47 -36.86
CA ALA F 92 7.61 -23.54 -36.03
C ALA F 92 6.41 -23.03 -36.83
N VAL F 93 5.43 -22.46 -36.14
CA VAL F 93 4.43 -21.56 -36.75
C VAL F 93 5.01 -20.14 -36.76
N TYR F 94 5.09 -19.55 -37.95
CA TYR F 94 5.56 -18.17 -38.21
C TYR F 94 4.31 -17.29 -38.32
N TYR F 95 4.21 -16.30 -37.43
CA TYR F 95 3.12 -15.30 -37.40
C TYR F 95 3.64 -13.96 -37.95
N CYS F 96 2.80 -13.34 -38.79
CA CYS F 96 2.90 -11.89 -39.04
C CYS F 96 1.80 -11.21 -38.20
N ALA F 97 2.08 -9.98 -37.80
CA ALA F 97 1.14 -9.14 -37.03
C ALA F 97 1.40 -7.68 -37.39
N LYS F 98 0.41 -6.82 -37.12
CA LYS F 98 0.54 -5.37 -37.43
C LYS F 98 0.11 -4.56 -36.21
N GLU F 99 0.68 -3.36 -36.08
CA GLU F 99 0.19 -2.32 -35.15
C GLU F 99 -0.75 -1.36 -35.90
N SER F 100 -1.66 -0.76 -35.15
CA SER F 100 -2.83 0.02 -35.66
C SER F 100 -2.87 1.38 -34.94
N GLY F 101 -1.69 1.91 -34.61
CA GLY F 101 -1.48 3.27 -34.06
C GLY F 101 -1.50 3.29 -32.54
N ARG F 102 -1.55 2.10 -31.92
CA ARG F 102 -1.60 1.96 -30.45
C ARG F 102 -0.32 1.27 -29.98
N ALA F 103 0.72 1.27 -30.83
CA ALA F 103 2.07 0.71 -30.61
C ALA F 103 2.08 -0.83 -30.56
N VAL F 104 1.05 -1.45 -29.96
CA VAL F 104 0.91 -2.93 -29.83
C VAL F 104 0.59 -3.58 -31.16
N ALA F 105 1.03 -4.83 -31.31
CA ALA F 105 0.61 -5.77 -32.37
C ALA F 105 -0.81 -6.24 -32.04
N ASP F 106 -1.80 -5.73 -32.77
CA ASP F 106 -3.22 -5.94 -32.38
C ASP F 106 -3.99 -6.66 -33.50
N ARG F 107 -3.36 -6.95 -34.64
CA ARG F 107 -3.98 -7.79 -35.71
C ARG F 107 -2.95 -8.83 -36.12
N TRP F 108 -3.38 -10.09 -36.16
CA TRP F 108 -2.51 -11.28 -36.27
C TRP F 108 -2.94 -12.13 -37.47
N GLY F 109 -1.96 -12.63 -38.22
CA GLY F 109 -2.20 -13.69 -39.22
C GLY F 109 -2.59 -14.99 -38.56
N GLN F 110 -3.01 -15.98 -39.35
CA GLN F 110 -3.43 -17.33 -38.87
C GLN F 110 -2.16 -18.14 -38.54
N GLY F 111 -0.99 -17.66 -38.96
CA GLY F 111 0.29 -18.38 -38.84
C GLY F 111 0.58 -19.27 -40.04
N THR F 112 1.86 -19.50 -40.31
CA THR F 112 2.34 -20.40 -41.38
C THR F 112 3.21 -21.47 -40.71
N LEU F 113 2.75 -22.73 -40.75
CA LEU F 113 3.56 -23.89 -40.28
C LEU F 113 4.68 -24.15 -41.29
N VAL F 114 5.92 -24.13 -40.84
CA VAL F 114 7.12 -24.54 -41.64
C VAL F 114 7.73 -25.75 -40.94
N THR F 115 7.67 -26.91 -41.58
CA THR F 115 8.29 -28.14 -41.05
C THR F 115 9.58 -28.38 -41.83
N VAL F 116 10.71 -28.37 -41.13
CA VAL F 116 12.04 -28.72 -41.70
C VAL F 116 12.27 -30.23 -41.50
N SER F 117 12.37 -30.97 -42.59
CA SER F 117 12.40 -32.46 -42.61
C SER F 117 13.35 -32.95 -43.71
N SER F 118 14.28 -33.86 -43.38
CA SER F 118 15.16 -34.51 -44.40
C SER F 118 14.30 -35.40 -45.31
N SER F 143 21.41 -7.10 -23.89
CA SER F 143 20.67 -6.65 -22.69
C SER F 143 19.17 -6.58 -23.01
N ASP F 144 18.65 -7.70 -23.48
CA ASP F 144 17.20 -7.91 -23.75
C ASP F 144 16.42 -7.87 -22.43
N ILE F 145 15.17 -7.41 -22.48
CA ILE F 145 14.28 -7.44 -21.30
C ILE F 145 13.71 -8.85 -21.15
N VAL F 146 13.92 -9.45 -19.97
CA VAL F 146 13.40 -10.80 -19.62
C VAL F 146 12.05 -10.60 -18.93
N MET F 147 11.02 -11.25 -19.45
CA MET F 147 9.66 -11.25 -18.87
C MET F 147 9.45 -12.59 -18.16
N THR F 148 9.19 -12.55 -16.85
CA THR F 148 8.95 -13.73 -16.00
C THR F 148 7.49 -13.76 -15.57
N GLN F 149 6.76 -14.78 -16.01
CA GLN F 149 5.35 -15.04 -15.65
C GLN F 149 5.24 -16.10 -14.53
N SER F 150 4.24 -15.95 -13.66
CA SER F 150 3.88 -16.97 -12.64
C SER F 150 2.39 -16.85 -12.34
N PRO F 151 1.72 -17.94 -11.91
CA PRO F 151 2.33 -19.27 -11.87
C PRO F 151 2.43 -19.85 -13.29
N ALA F 152 3.28 -20.86 -13.49
CA ALA F 152 3.40 -21.60 -14.76
C ALA F 152 2.06 -22.20 -15.15
N SER F 153 1.32 -22.78 -14.18
CA SER F 153 -0.02 -23.37 -14.41
C SER F 153 -1.01 -22.98 -13.30
N LEU F 154 -2.29 -22.91 -13.66
CA LEU F 154 -3.46 -22.67 -12.78
C LEU F 154 -4.58 -23.59 -13.24
N ALA F 155 -5.09 -24.44 -12.35
CA ALA F 155 -6.32 -25.21 -12.54
C ALA F 155 -7.38 -24.64 -11.59
N LEU F 156 -8.48 -24.13 -12.14
CA LEU F 156 -9.56 -23.43 -11.40
C LEU F 156 -10.90 -23.89 -11.96
N SER F 157 -11.98 -23.62 -11.22
CA SER F 157 -13.37 -23.99 -11.59
C SER F 157 -14.13 -22.75 -12.04
N LEU F 158 -15.17 -22.96 -12.86
CA LEU F 158 -16.11 -21.89 -13.29
C LEU F 158 -16.51 -21.04 -12.08
N GLY F 159 -16.52 -19.72 -12.26
CA GLY F 159 -16.95 -18.74 -11.24
C GLY F 159 -15.82 -18.31 -10.31
N GLU F 160 -14.65 -18.95 -10.34
CA GLU F 160 -13.51 -18.58 -9.46
C GLU F 160 -12.73 -17.40 -10.06
N ARG F 161 -11.88 -16.77 -9.25
CA ARG F 161 -11.00 -15.63 -9.63
C ARG F 161 -9.63 -16.19 -10.03
N ALA F 162 -9.09 -15.74 -11.15
CA ALA F 162 -7.72 -16.08 -11.61
C ALA F 162 -6.87 -14.82 -11.58
N THR F 163 -5.68 -14.89 -10.98
CA THR F 163 -4.68 -13.79 -11.02
C THR F 163 -3.40 -14.33 -11.67
N LEU F 164 -2.85 -13.58 -12.62
CA LEU F 164 -1.61 -13.92 -13.38
C LEU F 164 -0.59 -12.80 -13.13
N TYR F 165 0.67 -13.15 -12.89
CA TYR F 165 1.76 -12.20 -12.52
C TYR F 165 2.79 -12.20 -13.65
N CYS F 166 3.39 -11.04 -13.90
CA CYS F 166 4.40 -10.84 -14.96
C CYS F 166 5.38 -9.78 -14.47
N ARG F 167 6.66 -10.13 -14.36
CA ARG F 167 7.74 -9.20 -13.97
C ARG F 167 8.64 -8.96 -15.19
N ALA F 168 9.06 -7.71 -15.39
CA ALA F 168 10.07 -7.30 -16.40
C ALA F 168 11.42 -7.12 -15.69
N SER F 169 12.54 -7.44 -16.32
CA SER F 169 13.89 -7.36 -15.72
C SER F 169 14.36 -5.90 -15.63
N HIS F 170 13.83 -5.01 -16.49
CA HIS F 170 14.04 -3.54 -16.48
C HIS F 170 12.69 -2.86 -16.68
N SER F 171 12.56 -1.62 -16.21
CA SER F 171 11.31 -0.82 -16.35
C SER F 171 10.88 -0.82 -17.83
N ILE F 172 9.59 -1.04 -18.07
CA ILE F 172 8.98 -0.96 -19.43
C ILE F 172 7.83 0.05 -19.37
N SER F 173 7.83 0.92 -18.36
CA SER F 173 6.72 1.86 -18.07
C SER F 173 5.39 1.08 -18.10
N SER F 174 4.49 1.42 -19.01
CA SER F 174 3.17 0.74 -19.13
C SER F 174 3.05 0.05 -20.48
N TRP F 175 4.17 -0.12 -21.20
CA TRP F 175 4.21 -0.74 -22.55
C TRP F 175 4.19 -2.26 -22.37
N LEU F 176 3.13 -2.78 -21.78
CA LEU F 176 2.97 -4.23 -21.58
C LEU F 176 1.60 -4.67 -22.07
N ALA F 177 1.58 -5.79 -22.79
CA ALA F 177 0.36 -6.39 -23.36
C ALA F 177 0.15 -7.77 -22.78
N TRP F 178 -1.12 -8.17 -22.68
CA TRP F 178 -1.54 -9.56 -22.32
C TRP F 178 -2.25 -10.16 -23.53
N TYR F 179 -1.79 -11.35 -23.96
CA TYR F 179 -2.37 -12.16 -25.04
C TYR F 179 -2.94 -13.46 -24.47
N GLN F 180 -4.05 -13.89 -25.05
CA GLN F 180 -4.71 -15.19 -24.80
C GLN F 180 -4.45 -16.07 -26.02
N GLN F 181 -3.93 -17.28 -25.84
CA GLN F 181 -3.69 -18.21 -26.98
C GLN F 181 -4.37 -19.56 -26.68
N LYS F 182 -5.26 -19.98 -27.58
CA LYS F 182 -5.88 -21.33 -27.57
C LYS F 182 -5.02 -22.23 -28.45
N PRO F 183 -5.09 -23.57 -28.27
CA PRO F 183 -4.32 -24.51 -29.06
C PRO F 183 -4.53 -24.30 -30.56
N GLY F 184 -3.43 -24.16 -31.32
CA GLY F 184 -3.43 -24.07 -32.79
C GLY F 184 -4.02 -22.76 -33.31
N LYS F 185 -3.95 -21.68 -32.50
CA LYS F 185 -4.54 -20.37 -32.88
C LYS F 185 -3.52 -19.27 -32.56
N ALA F 186 -3.64 -18.15 -33.29
CA ALA F 186 -2.81 -16.96 -33.09
C ALA F 186 -3.09 -16.37 -31.70
N PRO F 187 -2.08 -15.75 -31.08
CA PRO F 187 -2.31 -14.95 -29.88
C PRO F 187 -3.41 -13.91 -30.16
N LYS F 188 -4.32 -13.73 -29.20
CA LYS F 188 -5.42 -12.75 -29.22
C LYS F 188 -5.10 -11.65 -28.18
N LEU F 189 -5.02 -10.39 -28.60
CA LEU F 189 -4.75 -9.26 -27.66
C LEU F 189 -5.94 -9.08 -26.71
N LEU F 190 -5.72 -9.08 -25.40
CA LEU F 190 -6.79 -8.79 -24.41
C LEU F 190 -6.54 -7.41 -23.80
N ILE F 191 -5.30 -7.11 -23.41
CA ILE F 191 -4.96 -5.87 -22.65
C ILE F 191 -3.69 -5.27 -23.24
N TYR F 192 -3.67 -3.95 -23.42
CA TYR F 192 -2.45 -3.20 -23.83
C TYR F 192 -2.27 -1.97 -22.93
N LYS F 193 -1.08 -1.40 -22.96
CA LYS F 193 -0.69 -0.27 -22.07
C LYS F 193 -1.05 -0.68 -20.62
N ALA F 194 -0.76 -1.93 -20.26
CA ALA F 194 -0.87 -2.52 -18.90
C ALA F 194 -2.34 -2.74 -18.46
N SER F 195 -3.26 -1.82 -18.76
CA SER F 195 -4.63 -1.84 -18.17
C SER F 195 -5.76 -1.57 -19.18
N THR F 196 -5.47 -1.28 -20.45
CA THR F 196 -6.52 -0.91 -21.43
C THR F 196 -7.05 -2.18 -22.12
N LEU F 197 -8.34 -2.47 -21.99
CA LEU F 197 -9.01 -3.63 -22.64
C LEU F 197 -9.08 -3.36 -24.14
N GLU F 198 -8.74 -4.36 -24.96
CA GLU F 198 -9.00 -4.35 -26.42
C GLU F 198 -10.52 -4.36 -26.62
N SER F 199 -10.99 -3.75 -27.69
CA SER F 199 -12.42 -3.74 -28.08
C SER F 199 -12.93 -5.18 -28.06
N GLY F 200 -14.12 -5.41 -27.50
CA GLY F 200 -14.76 -6.74 -27.48
C GLY F 200 -14.32 -7.58 -26.30
N VAL F 201 -13.32 -7.18 -25.52
CA VAL F 201 -12.88 -8.00 -24.37
C VAL F 201 -13.83 -7.73 -23.21
N PRO F 202 -14.46 -8.77 -22.62
CA PRO F 202 -15.41 -8.57 -21.53
C PRO F 202 -14.79 -7.99 -20.25
N SER F 203 -15.63 -7.35 -19.44
CA SER F 203 -15.26 -6.48 -18.30
C SER F 203 -14.72 -7.30 -17.12
N ARG F 204 -14.90 -8.62 -17.09
CA ARG F 204 -14.34 -9.49 -16.02
C ARG F 204 -12.81 -9.58 -16.16
N PHE F 205 -12.25 -9.15 -17.29
CA PHE F 205 -10.78 -9.01 -17.49
C PHE F 205 -10.37 -7.61 -17.01
N SER F 206 -9.26 -7.53 -16.29
CA SER F 206 -8.59 -6.26 -15.92
C SER F 206 -7.09 -6.50 -15.75
N GLY F 207 -6.29 -5.48 -16.03
CA GLY F 207 -4.83 -5.51 -15.89
C GLY F 207 -4.39 -4.36 -15.04
N SER F 208 -3.24 -4.51 -14.38
CA SER F 208 -2.68 -3.50 -13.47
C SER F 208 -1.17 -3.59 -13.49
N GLY F 209 -0.52 -2.47 -13.15
CA GLY F 209 0.93 -2.39 -12.93
C GLY F 209 1.57 -1.42 -13.89
N SER F 210 2.83 -1.11 -13.61
CA SER F 210 3.69 -0.11 -14.27
C SER F 210 5.14 -0.43 -13.83
N GLY F 211 6.14 0.00 -14.60
CA GLY F 211 7.55 -0.30 -14.29
C GLY F 211 7.89 -1.74 -14.59
N THR F 212 7.88 -2.60 -13.57
CA THR F 212 8.41 -3.98 -13.63
C THR F 212 7.40 -5.02 -13.14
N GLU F 213 6.28 -4.63 -12.51
CA GLU F 213 5.34 -5.63 -11.91
C GLU F 213 3.96 -5.44 -12.49
N PHE F 214 3.40 -6.50 -13.06
CA PHE F 214 2.11 -6.49 -13.79
C PHE F 214 1.26 -7.68 -13.33
N THR F 215 -0.06 -7.52 -13.39
CA THR F 215 -1.06 -8.56 -13.07
C THR F 215 -2.18 -8.48 -14.10
N LEU F 216 -2.71 -9.64 -14.46
CA LEU F 216 -4.00 -9.78 -15.17
C LEU F 216 -4.95 -10.53 -14.23
N THR F 217 -6.19 -10.07 -14.11
CA THR F 217 -7.21 -10.64 -13.21
C THR F 217 -8.44 -11.00 -14.04
N ILE F 218 -8.93 -12.23 -13.89
CA ILE F 218 -10.29 -12.62 -14.36
C ILE F 218 -11.18 -12.76 -13.12
N SER F 219 -12.14 -11.85 -12.94
CA SER F 219 -12.94 -11.76 -11.69
C SER F 219 -13.69 -13.08 -11.47
N SER F 220 -14.24 -13.69 -12.53
CA SER F 220 -15.14 -14.86 -12.45
C SER F 220 -15.09 -15.67 -13.76
N LEU F 221 -14.44 -16.84 -13.74
CA LEU F 221 -14.03 -17.61 -14.94
C LEU F 221 -15.25 -18.18 -15.67
N GLN F 222 -15.29 -18.00 -16.99
CA GLN F 222 -16.30 -18.60 -17.92
C GLN F 222 -15.61 -19.69 -18.72
N PRO F 223 -16.35 -20.60 -19.40
CA PRO F 223 -15.73 -21.67 -20.17
C PRO F 223 -14.75 -21.18 -21.25
N ASP F 224 -14.96 -19.99 -21.82
CA ASP F 224 -14.15 -19.44 -22.93
C ASP F 224 -12.79 -18.95 -22.41
N ASP F 225 -12.56 -18.93 -21.10
CA ASP F 225 -11.39 -18.24 -20.49
C ASP F 225 -10.18 -19.19 -20.39
N PHE F 226 -10.38 -20.49 -20.58
CA PHE F 226 -9.30 -21.49 -20.41
C PHE F 226 -8.42 -21.45 -21.66
N ALA F 227 -7.12 -21.25 -21.46
CA ALA F 227 -6.13 -20.93 -22.51
C ALA F 227 -4.74 -20.74 -21.87
N THR F 228 -3.71 -20.51 -22.69
CA THR F 228 -2.40 -20.03 -22.21
C THR F 228 -2.38 -18.52 -22.40
N TYR F 229 -1.91 -17.79 -21.39
CA TYR F 229 -1.82 -16.32 -21.38
C TYR F 229 -0.35 -15.93 -21.37
N TYR F 230 -0.01 -14.95 -22.18
CA TYR F 230 1.36 -14.42 -22.31
C TYR F 230 1.35 -12.91 -22.05
N CYS F 231 2.29 -12.43 -21.26
CA CYS F 231 2.56 -10.99 -21.20
C CYS F 231 3.70 -10.71 -22.19
N GLN F 232 3.71 -9.50 -22.73
CA GLN F 232 4.73 -9.08 -23.74
C GLN F 232 5.05 -7.62 -23.49
N GLN F 233 6.34 -7.30 -23.35
CA GLN F 233 6.82 -5.89 -23.34
C GLN F 233 6.96 -5.41 -24.79
N TYR F 234 6.50 -4.19 -25.09
CA TYR F 234 6.73 -3.50 -26.39
C TYR F 234 7.31 -2.12 -26.12
N LYS F 235 8.08 -2.01 -25.02
CA LYS F 235 8.97 -0.86 -24.73
C LYS F 235 10.00 -0.74 -25.86
N SER F 236 10.76 -1.79 -26.15
CA SER F 236 11.89 -1.71 -27.11
C SER F 236 12.13 -3.05 -27.79
N TYR F 237 12.63 -3.00 -29.02
CA TYR F 237 13.07 -4.17 -29.82
C TYR F 237 14.33 -4.73 -29.16
N PRO F 238 14.51 -6.07 -29.08
CA PRO F 238 13.52 -7.03 -29.57
C PRO F 238 12.38 -7.17 -28.55
N TRP F 239 11.14 -7.26 -29.06
CA TRP F 239 9.97 -7.54 -28.20
C TRP F 239 10.17 -8.91 -27.57
N THR F 240 9.79 -9.06 -26.30
CA THR F 240 10.03 -10.29 -25.51
C THR F 240 8.75 -10.65 -24.75
N PHE F 241 8.50 -11.95 -24.63
CA PHE F 241 7.28 -12.58 -24.04
C PHE F 241 7.70 -13.37 -22.80
N GLY F 242 6.82 -13.43 -21.81
CA GLY F 242 6.90 -14.45 -20.75
C GLY F 242 6.67 -15.82 -21.35
N GLN F 243 7.03 -16.89 -20.63
CA GLN F 243 6.90 -18.30 -21.12
C GLN F 243 5.47 -18.80 -20.87
N GLY F 244 4.59 -17.98 -20.30
CA GLY F 244 3.12 -18.24 -20.32
C GLY F 244 2.59 -18.79 -19.00
N THR F 245 1.29 -18.63 -18.78
CA THR F 245 0.49 -19.31 -17.72
C THR F 245 -0.60 -20.13 -18.41
N LYS F 246 -0.58 -21.45 -18.27
CA LYS F 246 -1.67 -22.32 -18.77
C LYS F 246 -2.79 -22.33 -17.72
N LEU F 247 -3.91 -21.70 -18.05
CA LEU F 247 -5.13 -21.63 -17.20
C LEU F 247 -6.09 -22.69 -17.73
N GLU F 248 -6.29 -23.75 -16.98
CA GLU F 248 -7.16 -24.90 -17.39
C GLU F 248 -8.25 -25.12 -16.33
N ILE F 249 -9.28 -25.87 -16.72
CA ILE F 249 -10.42 -26.26 -15.83
C ILE F 249 -9.88 -27.25 -14.79
N LYS F 250 -10.30 -27.09 -13.54
CA LYS F 250 -10.16 -28.09 -12.44
C LYS F 250 -10.50 -29.49 -12.97
N ARG F 251 -9.57 -30.44 -12.81
CA ARG F 251 -9.49 -31.70 -13.60
C ARG F 251 -10.42 -32.74 -12.95
#